data_8Y0R
#
_entry.id   8Y0R
#
_cell.length_a   1.00
_cell.length_b   1.00
_cell.length_c   1.00
_cell.angle_alpha   90.00
_cell.angle_beta   90.00
_cell.angle_gamma   90.00
#
_symmetry.space_group_name_H-M   'P 1'
#
loop_
_entity.id
_entity.type
_entity.pdbx_description
1 polymer 'VP1 of capsid protein'
2 polymer 'VP2 of capsid protein'
3 polymer 'VP3 of capsid protein'
4 polymer 'VP4 of capsid protein'
5 polymer 'pOA2 VH'
6 polymer 'pOA2 VL'
#
loop_
_entity_poly.entity_id
_entity_poly.type
_entity_poly.pdbx_seq_one_letter_code
_entity_poly.pdbx_strand_id
1 'polypeptide(L)'
;TTATGESADPVTTTVENYGGETQVQRRHHTDVSFIMDRFVQIKPVSPTHVIDLMQTHQHGLVGAMLRAATYYFSDLEIVV
NHTGRLTWVPNGAPEAALDNTSNPTAYHKAPFTRLALPYTAPHRVLATVYNGNSKYSAPATRRGDLGSLAARLAAQLPAS
FNYGAIRATEIQELLVRMKRAELYCPRPLLAVKVTSQDRHKQKIIAPAKQLL
;
1
2 'polypeptide(L)'
;DKKTEETTLLEDRILTTRNGHTTSTTQSSVGVTYGYSTGEDHVSGPNTSGLETRVVQAERFFKKHLFDWTTDKPFGHIEK
LELPTDHKGVYGQLVDSFAYMRNGWDVEVSAVGNQFNGGCLLVAMVPEFKEFTTREKYQLTLFPHQFISPRTNMTAHITV
PYLGVNRYDQYNKHKPWTLVVMVVSPLTTSSIGASQIKVYTNIAPTHVHVAGELPSKE
;
2
3 'polypeptide(L)'
;GIVPVACSDGYGGLVTTDPKTADPAYGMVYNPPRTNYPGRFTNLLDVAEACPTFLCFDDGKPYVVTRADEQRLLAKFDLS
LAAKHMSNTYLSGIAQYYAQYSGTINLHFMFTGSTDSKARYMVAYVPPGVTTPPDTPERAAHCIHAEWDTGLNSKFTFSI
PYVSAADYAYTASDVADTTNVQGWVCIYQITHGKAEQDTLVVSVSAGKDFELRLPIDPRAQ
;
3
4 'polypeptide(L)'
;GAGQSSPATGSQNQSGNTGSIINNYYMQQYQNSMDTQLGDNAISGGSNEGSTDTTSSHTTNTQNNDWFSKLASSAFTGLF
GALLA
;
4
5 'polypeptide(L)'
;EEKVVESGGGLVQPGGSLRLSCVGSGFNFKNYEINWVRQAPGKALEWLAYITQTSDFIYYADSVKGRFTISRDNSRNTAY
LQMNNLRTEDTARYFCTRAGLTGCKSRHCMYVWGPGAEVVVSS
;
H
6 'polypeptide(L)'
;QTVIQEPAMSVSLGGTVTLTCGFISGSVTGTNYPSWFQQTPGQPPRLLIYYANSRPTEVPSRFSGAISGNKAALTITGAQ
AEDEADYFCCLYKTNNNILFGGGTHLTVL
;
L
#
# COMPACT_ATOMS: atom_id res chain seq x y z
N THR A 1 11.68 -3.22 24.81
CA THR A 1 10.30 -2.78 24.98
C THR A 1 10.24 -1.27 25.18
N THR A 2 9.05 -0.70 24.96
CA THR A 2 8.79 0.71 25.24
C THR A 2 9.73 1.62 24.45
N ALA A 3 9.56 1.62 23.14
CA ALA A 3 10.32 2.46 22.23
C ALA A 3 9.42 3.53 21.63
N THR A 4 9.97 4.30 20.69
CA THR A 4 9.22 5.29 19.94
C THR A 4 8.68 4.64 18.67
N GLY A 5 7.36 4.53 18.58
CA GLY A 5 6.76 3.81 17.47
C GLY A 5 6.92 4.52 16.13
N GLU A 6 6.77 5.84 16.11
CA GLU A 6 6.73 6.58 14.87
C GLU A 6 8.06 6.57 14.14
N SER A 7 9.18 6.39 14.86
CA SER A 7 10.48 6.38 14.21
C SER A 7 10.66 5.18 13.28
N ALA A 8 9.82 4.14 13.44
CA ALA A 8 9.83 2.95 12.60
C ALA A 8 11.16 2.22 12.65
N ASP A 9 11.98 2.48 13.66
CA ASP A 9 13.21 1.72 13.84
C ASP A 9 12.88 0.31 14.31
N PRO A 10 13.62 -0.70 13.85
CA PRO A 10 13.33 -2.06 14.27
C PRO A 10 13.54 -2.25 15.76
N VAL A 11 12.59 -2.92 16.41
CA VAL A 11 12.69 -3.28 17.82
C VAL A 11 12.40 -4.77 17.93
N THR A 12 13.37 -5.53 18.41
CA THR A 12 13.26 -6.98 18.51
C THR A 12 13.53 -7.39 19.96
N THR A 13 12.48 -7.52 20.75
CA THR A 13 12.62 -8.02 22.10
C THR A 13 12.71 -9.54 22.08
N THR A 14 13.24 -10.09 23.16
CA THR A 14 13.40 -11.53 23.32
C THR A 14 12.73 -11.97 24.61
N VAL A 15 12.78 -13.28 24.89
CA VAL A 15 12.14 -13.82 26.08
C VAL A 15 12.95 -13.61 27.35
N GLU A 16 14.19 -13.13 27.25
CA GLU A 16 14.93 -12.78 28.46
C GLU A 16 14.34 -11.58 29.19
N ASN A 17 13.42 -10.85 28.58
CA ASN A 17 12.76 -9.76 29.29
C ASN A 17 11.90 -10.25 30.44
N TYR A 18 11.52 -11.53 30.46
CA TYR A 18 10.83 -12.06 31.62
C TYR A 18 11.40 -13.41 32.07
N GLY A 19 12.70 -13.63 31.92
CA GLY A 19 13.36 -14.77 32.52
C GLY A 19 13.67 -15.92 31.60
N GLY A 20 13.21 -15.88 30.35
CA GLY A 20 13.47 -16.95 29.43
C GLY A 20 14.87 -16.91 28.84
N GLU A 21 15.10 -17.79 27.87
CA GLU A 21 16.38 -17.86 27.17
C GLU A 21 16.13 -18.02 25.69
N THR A 22 16.78 -17.19 24.88
CA THR A 22 16.68 -17.31 23.43
C THR A 22 17.40 -18.58 22.96
N GLN A 23 16.79 -19.29 22.03
CA GLN A 23 17.30 -20.58 21.59
C GLN A 23 18.11 -20.45 20.31
N VAL A 24 18.67 -21.57 19.87
CA VAL A 24 19.45 -21.62 18.65
C VAL A 24 18.50 -21.57 17.45
N GLN A 25 18.87 -20.78 16.45
CA GLN A 25 18.08 -20.61 15.24
C GLN A 25 18.84 -21.17 14.04
N ARG A 26 18.12 -21.93 13.20
CA ARG A 26 18.66 -22.48 11.96
C ARG A 26 17.71 -22.07 10.84
N ARG A 27 18.10 -21.07 10.07
CA ARG A 27 17.24 -20.43 9.07
C ARG A 27 17.67 -20.77 7.65
N HIS A 28 18.10 -22.02 7.43
CA HIS A 28 18.52 -22.43 6.10
C HIS A 28 17.36 -22.46 5.11
N HIS A 29 16.18 -22.84 5.57
CA HIS A 29 15.06 -23.07 4.66
C HIS A 29 14.36 -21.78 4.23
N THR A 30 14.67 -20.66 4.86
CA THR A 30 14.16 -19.37 4.42
C THR A 30 15.18 -18.59 3.62
N ASP A 31 16.33 -19.17 3.31
CA ASP A 31 17.31 -18.52 2.45
C ASP A 31 16.76 -18.37 1.05
N VAL A 32 16.98 -17.20 0.45
CA VAL A 32 16.36 -16.89 -0.84
C VAL A 32 16.86 -17.83 -1.93
N SER A 33 18.18 -18.05 -1.98
CA SER A 33 18.74 -18.94 -2.98
C SER A 33 18.20 -20.35 -2.84
N PHE A 34 18.07 -20.84 -1.61
CA PHE A 34 17.52 -22.16 -1.39
C PHE A 34 16.05 -22.24 -1.77
N ILE A 35 15.26 -21.24 -1.36
CA ILE A 35 13.81 -21.34 -1.56
C ILE A 35 13.44 -21.18 -3.02
N MET A 36 14.18 -20.38 -3.78
CA MET A 36 13.84 -20.17 -5.18
C MET A 36 14.37 -21.25 -6.11
N ASP A 37 15.23 -22.14 -5.63
CA ASP A 37 15.90 -23.12 -6.49
C ASP A 37 15.05 -24.38 -6.60
N ARG A 38 13.90 -24.23 -7.25
CA ARG A 38 12.96 -25.33 -7.48
C ARG A 38 12.28 -25.13 -8.83
N PHE A 39 11.83 -26.24 -9.40
CA PHE A 39 11.08 -26.21 -10.65
C PHE A 39 9.64 -25.80 -10.35
N VAL A 40 9.24 -24.66 -10.90
CA VAL A 40 7.86 -24.21 -10.88
C VAL A 40 7.33 -24.33 -12.31
N GLN A 41 6.03 -24.58 -12.43
CA GLN A 41 5.44 -24.92 -13.72
C GLN A 41 4.85 -23.69 -14.38
N ILE A 42 5.13 -23.53 -15.68
CA ILE A 42 4.51 -22.50 -16.49
C ILE A 42 3.29 -23.14 -17.13
N LYS A 43 2.10 -22.88 -16.56
CA LYS A 43 0.93 -23.65 -16.97
C LYS A 43 0.41 -23.23 -18.34
N PRO A 44 0.11 -21.94 -18.60
CA PRO A 44 -0.30 -21.58 -19.97
C PRO A 44 0.89 -21.55 -20.90
N VAL A 45 1.01 -22.55 -21.77
CA VAL A 45 2.16 -22.70 -22.65
C VAL A 45 1.67 -22.98 -24.06
N SER A 46 2.29 -22.33 -25.03
CA SER A 46 1.95 -22.42 -26.44
C SER A 46 3.12 -22.96 -27.25
N PRO A 47 2.90 -23.31 -28.53
CA PRO A 47 4.02 -23.77 -29.36
C PRO A 47 5.20 -22.81 -29.41
N THR A 48 4.94 -21.50 -29.45
CA THR A 48 5.98 -20.48 -29.36
C THR A 48 5.75 -19.72 -28.05
N HIS A 49 6.64 -19.91 -27.10
CA HIS A 49 6.47 -19.36 -25.76
C HIS A 49 7.67 -18.49 -25.40
N VAL A 50 7.39 -17.28 -24.91
CA VAL A 50 8.42 -16.38 -24.44
C VAL A 50 8.55 -16.57 -22.93
N ILE A 51 9.75 -16.89 -22.47
CA ILE A 51 9.97 -17.29 -21.09
C ILE A 51 9.97 -16.04 -20.23
N ASP A 52 8.86 -15.78 -19.55
CA ASP A 52 8.74 -14.70 -18.59
C ASP A 52 8.37 -15.31 -17.25
N LEU A 53 9.12 -14.95 -16.21
CA LEU A 53 8.87 -15.54 -14.90
C LEU A 53 7.57 -15.05 -14.27
N MET A 54 6.92 -14.05 -14.86
CA MET A 54 5.61 -13.63 -14.39
C MET A 54 4.48 -14.54 -14.90
N GLN A 55 4.80 -15.52 -15.74
CA GLN A 55 3.82 -16.51 -16.15
C GLN A 55 3.52 -17.53 -15.06
N THR A 56 4.34 -17.59 -14.02
CA THR A 56 4.11 -18.51 -12.93
C THR A 56 2.83 -18.15 -12.18
N HIS A 57 2.20 -19.15 -11.57
CA HIS A 57 1.01 -18.90 -10.78
C HIS A 57 1.34 -18.00 -9.60
N GLN A 58 0.50 -16.99 -9.38
CA GLN A 58 0.79 -16.00 -8.35
C GLN A 58 0.68 -16.56 -6.94
N HIS A 59 0.00 -17.68 -6.76
CA HIS A 59 -0.13 -18.29 -5.45
C HIS A 59 0.77 -19.50 -5.25
N GLY A 60 1.59 -19.84 -6.24
CA GLY A 60 2.55 -20.90 -6.07
C GLY A 60 3.69 -20.46 -5.16
N LEU A 61 4.47 -21.44 -4.73
CA LEU A 61 5.60 -21.15 -3.85
C LEU A 61 6.58 -20.20 -4.54
N VAL A 62 7.18 -20.65 -5.64
CA VAL A 62 8.16 -19.83 -6.33
C VAL A 62 7.52 -18.57 -6.89
N GLY A 63 6.31 -18.67 -7.43
CA GLY A 63 5.66 -17.50 -7.99
C GLY A 63 5.39 -16.43 -6.96
N ALA A 64 4.86 -16.83 -5.81
CA ALA A 64 4.55 -15.85 -4.76
C ALA A 64 5.83 -15.28 -4.15
N MET A 65 6.86 -16.11 -3.98
CA MET A 65 8.11 -15.59 -3.45
C MET A 65 8.76 -14.63 -4.43
N LEU A 66 8.57 -14.84 -5.73
CA LEU A 66 9.09 -13.92 -6.72
C LEU A 66 8.32 -12.60 -6.72
N ARG A 67 6.98 -12.68 -6.65
CA ARG A 67 6.18 -11.48 -6.65
C ARG A 67 6.29 -10.70 -5.36
N ALA A 68 6.92 -11.27 -4.33
CA ALA A 68 7.18 -10.59 -3.07
C ALA A 68 8.44 -9.75 -3.12
N ALA A 69 9.09 -9.67 -4.27
CA ALA A 69 10.27 -8.84 -4.46
C ALA A 69 10.05 -7.93 -5.65
N THR A 70 10.48 -6.68 -5.53
CA THR A 70 10.30 -5.74 -6.63
C THR A 70 11.21 -6.08 -7.80
N TYR A 71 12.48 -6.36 -7.53
CA TYR A 71 13.47 -6.65 -8.56
C TYR A 71 14.10 -8.00 -8.29
N TYR A 72 14.52 -8.68 -9.36
CA TYR A 72 15.11 -10.01 -9.21
C TYR A 72 16.17 -10.25 -10.27
N PHE A 73 17.12 -11.11 -9.91
CA PHE A 73 18.13 -11.64 -10.80
C PHE A 73 18.26 -13.14 -10.56
N SER A 74 18.39 -13.89 -11.65
CA SER A 74 18.63 -15.32 -11.54
C SER A 74 19.00 -15.87 -12.91
N ASP A 75 19.92 -16.82 -12.92
CA ASP A 75 20.09 -17.69 -14.08
C ASP A 75 18.95 -18.69 -14.10
N LEU A 76 18.63 -19.19 -15.28
CA LEU A 76 17.40 -19.96 -15.47
C LEU A 76 17.70 -21.34 -16.01
N GLU A 77 17.01 -22.34 -15.48
CA GLU A 77 17.08 -23.72 -15.94
C GLU A 77 15.68 -24.20 -16.29
N ILE A 78 15.51 -24.74 -17.50
CA ILE A 78 14.19 -25.12 -17.98
C ILE A 78 14.14 -26.61 -18.24
N VAL A 79 12.95 -27.18 -18.06
CA VAL A 79 12.62 -28.55 -18.43
C VAL A 79 11.42 -28.50 -19.36
N VAL A 80 11.61 -28.94 -20.60
CA VAL A 80 10.59 -28.81 -21.64
C VAL A 80 10.20 -30.20 -22.12
N ASN A 81 8.90 -30.45 -22.20
CA ASN A 81 8.36 -31.69 -22.74
C ASN A 81 7.73 -31.35 -24.08
N HIS A 82 8.46 -31.62 -25.17
CA HIS A 82 8.07 -31.21 -26.50
C HIS A 82 8.02 -32.41 -27.43
N THR A 83 7.22 -32.27 -28.49
CA THR A 83 7.02 -33.35 -29.45
C THR A 83 7.76 -33.15 -30.75
N GLY A 84 8.51 -32.07 -30.89
CA GLY A 84 9.24 -31.84 -32.13
C GLY A 84 10.71 -31.56 -31.89
N ARG A 85 11.16 -30.40 -32.35
CA ARG A 85 12.53 -29.93 -32.17
C ARG A 85 12.48 -28.60 -31.46
N LEU A 86 13.24 -28.46 -30.37
CA LEU A 86 13.13 -27.31 -29.49
C LEU A 86 14.27 -26.33 -29.78
N THR A 87 13.92 -25.07 -30.04
CA THR A 87 14.89 -24.02 -30.35
C THR A 87 14.71 -22.89 -29.35
N TRP A 88 15.80 -22.33 -28.86
CA TRP A 88 15.76 -21.23 -27.90
C TRP A 88 16.57 -20.05 -28.43
N VAL A 89 16.08 -18.85 -28.17
CA VAL A 89 16.76 -17.62 -28.61
C VAL A 89 16.85 -16.66 -27.42
N PRO A 90 17.86 -15.79 -27.41
CA PRO A 90 17.97 -14.79 -26.34
C PRO A 90 16.98 -13.63 -26.45
N ASN A 91 17.12 -12.62 -25.59
CA ASN A 91 16.06 -11.62 -25.42
C ASN A 91 15.85 -10.78 -26.67
N GLY A 92 16.90 -10.21 -27.22
CA GLY A 92 16.69 -9.30 -28.31
C GLY A 92 16.41 -9.93 -29.65
N ALA A 93 16.37 -11.25 -29.71
CA ALA A 93 16.29 -11.94 -30.98
C ALA A 93 14.93 -11.68 -31.64
N PRO A 94 14.91 -11.48 -32.96
CA PRO A 94 13.64 -11.42 -33.67
C PRO A 94 12.94 -12.76 -33.67
N GLU A 95 11.61 -12.71 -33.75
CA GLU A 95 10.81 -13.92 -33.64
C GLU A 95 11.05 -14.86 -34.81
N ALA A 96 11.52 -14.34 -35.95
CA ALA A 96 11.78 -15.18 -37.11
C ALA A 96 12.98 -16.10 -36.91
N ALA A 97 13.82 -15.83 -35.92
CA ALA A 97 15.01 -16.64 -35.68
C ALA A 97 14.70 -17.98 -35.05
N LEU A 98 13.48 -18.20 -34.54
CA LEU A 98 13.16 -19.44 -33.88
C LEU A 98 13.06 -20.62 -34.83
N ASP A 99 13.09 -20.38 -36.14
CA ASP A 99 12.98 -21.44 -37.13
C ASP A 99 14.34 -21.95 -37.62
N ASN A 100 15.44 -21.45 -37.07
CA ASN A 100 16.77 -21.76 -37.57
C ASN A 100 17.53 -22.60 -36.55
N THR A 101 18.19 -23.66 -37.03
CA THR A 101 18.85 -24.61 -36.15
C THR A 101 20.22 -24.16 -35.69
N SER A 102 20.81 -23.14 -36.30
CA SER A 102 22.08 -22.62 -35.81
C SER A 102 21.94 -22.00 -34.43
N ASN A 103 20.71 -21.65 -34.04
CA ASN A 103 20.42 -21.23 -32.68
C ASN A 103 20.45 -22.43 -31.75
N PRO A 104 20.58 -22.22 -30.43
CA PRO A 104 20.57 -23.35 -29.50
C PRO A 104 19.34 -24.22 -29.67
N THR A 105 19.55 -25.43 -30.16
CA THR A 105 18.47 -26.33 -30.54
C THR A 105 18.70 -27.69 -29.91
N ALA A 106 17.68 -28.22 -29.25
CA ALA A 106 17.74 -29.51 -28.60
C ALA A 106 16.86 -30.48 -29.36
N TYR A 107 17.41 -31.65 -29.69
CA TYR A 107 16.64 -32.67 -30.37
C TYR A 107 15.93 -33.55 -29.35
N HIS A 108 14.71 -33.97 -29.69
CA HIS A 108 13.90 -34.78 -28.79
C HIS A 108 14.60 -36.07 -28.43
N LYS A 109 14.98 -36.26 -27.16
CA LYS A 109 15.65 -37.48 -26.77
C LYS A 109 14.64 -38.59 -26.48
N ALA A 110 13.82 -38.41 -25.43
CA ALA A 110 12.66 -39.28 -25.19
C ALA A 110 11.76 -38.72 -24.09
N PRO A 111 12.19 -38.69 -22.79
CA PRO A 111 11.26 -38.21 -21.76
C PRO A 111 10.95 -36.74 -21.91
N PHE A 112 12.00 -35.94 -22.00
CA PHE A 112 11.94 -34.48 -21.97
C PHE A 112 13.36 -33.92 -22.06
N THR A 113 13.45 -32.61 -22.20
CA THR A 113 14.71 -31.90 -22.38
C THR A 113 14.96 -30.98 -21.20
N ARG A 114 16.16 -31.04 -20.64
CA ARG A 114 16.56 -30.21 -19.50
C ARG A 114 17.78 -29.39 -19.90
N LEU A 115 17.64 -28.07 -19.90
CA LEU A 115 18.71 -27.18 -20.31
C LEU A 115 18.94 -26.11 -19.26
N ALA A 116 20.14 -25.56 -19.24
CA ALA A 116 20.49 -24.43 -18.40
C ALA A 116 20.70 -23.23 -19.30
N LEU A 117 20.02 -22.13 -18.98
CA LEU A 117 20.07 -20.94 -19.81
C LEU A 117 20.64 -19.77 -19.02
N PRO A 118 21.42 -18.90 -19.66
CA PRO A 118 21.95 -17.73 -18.96
C PRO A 118 20.97 -16.57 -18.95
N TYR A 119 21.25 -15.62 -18.06
CA TYR A 119 20.55 -14.35 -18.01
C TYR A 119 20.99 -13.49 -19.18
N THR A 120 20.08 -13.21 -20.11
CA THR A 120 20.40 -12.50 -21.34
C THR A 120 19.76 -11.13 -21.42
N ALA A 121 19.12 -10.65 -20.36
CA ALA A 121 18.46 -9.36 -20.41
C ALA A 121 19.48 -8.23 -20.47
N PRO A 122 19.14 -7.13 -21.15
CA PRO A 122 20.06 -5.99 -21.22
C PRO A 122 19.98 -5.09 -19.99
N HIS A 123 19.37 -5.58 -18.92
CA HIS A 123 19.14 -4.80 -17.72
C HIS A 123 19.98 -5.31 -16.55
N ARG A 124 20.26 -4.40 -15.62
CA ARG A 124 20.89 -4.75 -14.35
C ARG A 124 20.13 -5.86 -13.66
N VAL A 125 18.84 -5.65 -13.46
CA VAL A 125 17.94 -6.60 -12.83
C VAL A 125 16.61 -6.56 -13.58
N LEU A 126 15.79 -7.57 -13.35
CA LEU A 126 14.43 -7.59 -13.87
C LEU A 126 13.48 -7.19 -12.76
N ALA A 127 12.33 -6.65 -13.15
CA ALA A 127 11.35 -6.15 -12.20
C ALA A 127 10.04 -6.92 -12.33
N THR A 128 9.43 -7.25 -11.20
CA THR A 128 8.10 -7.84 -11.21
C THR A 128 7.03 -6.80 -11.46
N VAL A 129 7.28 -5.54 -11.10
CA VAL A 129 6.35 -4.44 -11.34
C VAL A 129 7.12 -3.30 -11.98
N TYR A 130 6.54 -2.70 -13.01
CA TYR A 130 7.14 -1.56 -13.69
C TYR A 130 6.12 -0.44 -13.76
N ASN A 131 6.48 0.73 -13.24
CA ASN A 131 5.58 1.88 -13.21
C ASN A 131 5.86 2.79 -14.38
N GLY A 132 5.46 2.34 -15.56
CA GLY A 132 5.65 3.12 -16.76
C GLY A 132 5.57 2.23 -17.99
N ASN A 133 5.94 2.82 -19.12
CA ASN A 133 5.93 2.15 -20.41
C ASN A 133 7.25 2.40 -21.13
N SER A 134 7.81 1.35 -21.71
CA SER A 134 9.03 1.47 -22.50
C SER A 134 8.77 1.87 -23.95
N LYS A 135 7.51 1.91 -24.38
CA LYS A 135 7.18 2.27 -25.74
C LYS A 135 7.08 3.79 -25.88
N TYR A 136 7.56 4.29 -27.01
CA TYR A 136 7.50 5.73 -27.30
C TYR A 136 6.14 6.11 -27.87
N ARG A 152 -1.78 5.60 -21.44
CA ARG A 152 -0.48 4.96 -21.23
C ARG A 152 -0.48 4.19 -19.91
N LEU A 153 -1.01 2.96 -19.95
CA LEU A 153 -1.14 2.15 -18.75
C LEU A 153 0.16 1.43 -18.45
N ALA A 154 0.49 1.34 -17.17
CA ALA A 154 1.72 0.69 -16.72
C ALA A 154 1.51 -0.79 -16.40
N ALA A 155 0.32 -1.33 -16.61
CA ALA A 155 0.06 -2.73 -16.27
C ALA A 155 0.87 -3.70 -17.12
N GLN A 156 1.42 -3.24 -18.24
CA GLN A 156 2.24 -4.08 -19.10
C GLN A 156 3.71 -3.93 -18.72
N LEU A 157 4.35 -5.05 -18.41
CA LEU A 157 5.78 -5.05 -18.20
C LEU A 157 6.50 -4.82 -19.53
N PRO A 158 7.66 -4.16 -19.51
CA PRO A 158 8.42 -3.98 -20.76
C PRO A 158 8.66 -5.31 -21.46
N ALA A 159 8.71 -5.26 -22.79
CA ALA A 159 8.91 -6.48 -23.57
C ALA A 159 10.30 -7.07 -23.36
N SER A 160 11.22 -6.33 -22.76
CA SER A 160 12.57 -6.80 -22.53
C SER A 160 12.74 -7.57 -21.22
N PHE A 161 11.67 -7.75 -20.45
CA PHE A 161 11.74 -8.53 -19.20
C PHE A 161 11.39 -9.98 -19.50
N ASN A 162 12.35 -10.68 -20.08
CA ASN A 162 12.16 -12.10 -20.40
C ASN A 162 13.52 -12.78 -20.46
N TYR A 163 13.47 -14.11 -20.44
CA TYR A 163 14.66 -14.94 -20.52
C TYR A 163 14.84 -15.55 -21.90
N GLY A 164 14.19 -14.98 -22.90
CA GLY A 164 14.21 -15.52 -24.24
C GLY A 164 12.89 -16.15 -24.62
N ALA A 165 12.92 -16.91 -25.71
CA ALA A 165 11.75 -17.59 -26.21
C ALA A 165 12.14 -18.96 -26.72
N ILE A 166 11.20 -19.89 -26.65
CA ILE A 166 11.39 -21.25 -27.14
C ILE A 166 10.26 -21.59 -28.11
N ARG A 167 10.58 -22.38 -29.13
CA ARG A 167 9.62 -22.81 -30.12
C ARG A 167 9.80 -24.29 -30.40
N ALA A 168 8.67 -24.99 -30.54
CA ALA A 168 8.67 -26.38 -30.95
C ALA A 168 7.38 -26.64 -31.71
N THR A 169 7.27 -27.85 -32.28
CA THR A 169 6.03 -28.21 -32.94
C THR A 169 4.87 -28.22 -31.95
N GLU A 170 5.10 -28.75 -30.76
CA GLU A 170 4.12 -28.67 -29.68
C GLU A 170 4.85 -28.78 -28.36
N ILE A 171 4.57 -27.87 -27.43
CA ILE A 171 5.11 -27.91 -26.08
C ILE A 171 3.99 -28.33 -25.14
N GLN A 172 4.25 -29.35 -24.35
CA GLN A 172 3.23 -29.89 -23.44
C GLN A 172 3.40 -29.37 -22.02
N GLU A 173 4.61 -29.46 -21.47
CA GLU A 173 4.90 -28.97 -20.14
C GLU A 173 6.17 -28.13 -20.17
N LEU A 174 6.21 -27.12 -19.30
CA LEU A 174 7.38 -26.25 -19.20
C LEU A 174 7.64 -25.97 -17.72
N LEU A 175 8.76 -26.46 -17.20
CA LEU A 175 9.20 -26.17 -15.85
C LEU A 175 10.41 -25.26 -15.91
N VAL A 176 10.45 -24.26 -15.02
CA VAL A 176 11.57 -23.34 -14.94
C VAL A 176 12.11 -23.34 -13.52
N ARG A 177 13.43 -23.22 -13.40
CA ARG A 177 14.10 -23.23 -12.12
C ARG A 177 15.03 -22.03 -12.04
N MET A 178 14.91 -21.26 -10.97
CA MET A 178 15.71 -20.04 -10.80
C MET A 178 17.01 -20.40 -10.09
N LYS A 179 18.12 -20.29 -10.81
CA LYS A 179 19.44 -20.49 -10.24
C LYS A 179 20.06 -19.14 -9.88
N ARG A 180 20.85 -19.14 -8.80
CA ARG A 180 21.57 -17.95 -8.36
C ARG A 180 20.60 -16.80 -8.05
N ALA A 181 19.46 -17.13 -7.47
CA ALA A 181 18.40 -16.14 -7.31
C ALA A 181 18.81 -15.02 -6.37
N GLU A 182 18.43 -13.80 -6.71
CA GLU A 182 18.67 -12.62 -5.90
C GLU A 182 17.41 -11.76 -5.91
N LEU A 183 16.88 -11.46 -4.73
CA LEU A 183 15.70 -10.63 -4.59
C LEU A 183 16.07 -9.36 -3.84
N TYR A 184 15.49 -8.22 -4.24
CA TYR A 184 15.93 -6.94 -3.68
C TYR A 184 14.88 -6.21 -2.85
N CYS A 185 13.75 -5.79 -3.40
CA CYS A 185 12.88 -4.94 -2.60
C CYS A 185 11.59 -5.65 -2.22
N PRO A 186 11.37 -5.95 -0.94
CA PRO A 186 10.21 -6.76 -0.56
C PRO A 186 8.89 -6.06 -0.85
N ARG A 187 7.88 -6.88 -1.13
CA ARG A 187 6.53 -6.43 -1.46
C ARG A 187 5.56 -7.30 -0.68
N PRO A 188 4.32 -6.84 -0.50
CA PRO A 188 3.37 -7.62 0.32
C PRO A 188 3.14 -9.02 -0.23
N LEU A 189 3.07 -9.98 0.70
CA LEU A 189 2.81 -11.38 0.40
C LEU A 189 1.65 -11.84 1.28
N LEU A 190 0.61 -12.38 0.66
CA LEU A 190 -0.66 -12.64 1.33
C LEU A 190 -0.90 -14.13 1.52
N ALA A 191 -1.49 -14.48 2.65
CA ALA A 191 -1.92 -15.84 2.94
C ALA A 191 -3.37 -16.00 2.48
N VAL A 192 -3.98 -17.14 2.82
CA VAL A 192 -5.36 -17.39 2.44
C VAL A 192 -6.28 -16.48 3.25
N LYS A 193 -7.27 -15.90 2.58
CA LYS A 193 -8.24 -15.06 3.27
C LYS A 193 -9.09 -15.91 4.21
N VAL A 194 -9.22 -15.46 5.46
CA VAL A 194 -9.95 -16.18 6.49
C VAL A 194 -11.15 -15.32 6.87
N THR A 195 -12.34 -15.89 6.74
CA THR A 195 -13.58 -15.18 7.07
C THR A 195 -14.47 -16.07 7.92
N SER A 196 -15.12 -15.46 8.91
CA SER A 196 -16.17 -16.09 9.71
C SER A 196 -15.66 -17.31 10.47
N GLN A 197 -14.38 -17.34 10.80
CA GLN A 197 -13.83 -18.43 11.59
C GLN A 197 -12.52 -17.97 12.23
N ASP A 198 -12.14 -18.68 13.30
CA ASP A 198 -10.98 -18.26 14.07
C ASP A 198 -9.68 -18.57 13.34
N ARG A 199 -9.59 -19.73 12.71
CA ARG A 199 -8.40 -20.14 11.98
C ARG A 199 -8.79 -20.70 10.63
N HIS A 200 -7.84 -20.67 9.70
CA HIS A 200 -8.01 -21.38 8.44
C HIS A 200 -7.77 -22.86 8.70
N LYS A 201 -8.84 -23.62 8.83
CA LYS A 201 -8.76 -25.05 9.09
C LYS A 201 -8.76 -25.80 7.76
N GLN A 202 -7.72 -26.59 7.51
CA GLN A 202 -7.62 -27.41 6.32
C GLN A 202 -7.13 -28.79 6.71
N LYS A 203 -7.46 -29.78 5.88
CA LYS A 203 -7.07 -31.16 6.16
C LYS A 203 -5.55 -31.28 6.12
N ILE A 204 -4.97 -31.76 7.20
CA ILE A 204 -3.54 -32.03 7.28
C ILE A 204 -3.33 -33.53 7.12
N ILE A 205 -2.24 -33.90 6.45
CA ILE A 205 -1.95 -35.31 6.19
C ILE A 205 -1.85 -36.07 7.51
N ALA A 206 -2.73 -37.03 7.70
CA ALA A 206 -2.70 -37.90 8.86
C ALA A 206 -2.82 -39.36 8.41
N PRO A 207 -2.21 -40.28 9.14
CA PRO A 207 -2.26 -41.69 8.74
C PRO A 207 -3.68 -42.22 8.67
N ALA A 208 -3.93 -43.08 7.69
CA ALA A 208 -5.26 -43.64 7.46
C ALA A 208 -5.53 -44.71 8.51
N LYS A 209 -6.15 -44.30 9.61
CA LYS A 209 -6.50 -45.21 10.68
C LYS A 209 -7.64 -44.64 11.52
N GLU B 11 16.92 18.78 22.55
CA GLU B 11 16.32 17.58 23.10
C GLU B 11 16.50 16.40 22.16
N ASP B 12 17.33 16.58 21.12
CA ASP B 12 17.51 15.68 19.99
C ASP B 12 16.24 15.59 19.14
N ARG B 13 15.16 16.26 19.54
CA ARG B 13 13.92 16.29 18.78
C ARG B 13 13.89 17.46 17.81
N ILE B 14 14.91 18.31 17.82
CA ILE B 14 15.04 19.42 16.89
C ILE B 14 16.03 19.00 15.82
N LEU B 15 15.57 18.97 14.57
CA LEU B 15 16.40 18.56 13.45
C LEU B 15 16.30 19.59 12.33
N THR B 16 17.44 19.92 11.73
CA THR B 16 17.51 20.87 10.62
C THR B 16 18.09 20.16 9.42
N THR B 17 17.35 20.14 8.32
CA THR B 17 17.78 19.56 7.05
C THR B 17 18.05 20.71 6.08
N ARG B 18 19.20 20.69 5.42
CA ARG B 18 19.60 21.78 4.54
C ARG B 18 20.06 21.19 3.22
N ASN B 19 19.22 21.29 2.20
CA ASN B 19 19.53 20.87 0.84
C ASN B 19 19.67 22.10 -0.04
N GLY B 20 20.81 22.21 -0.72
CA GLY B 20 21.06 23.39 -1.52
C GLY B 20 21.10 24.63 -0.63
N HIS B 21 20.36 25.65 -1.01
CA HIS B 21 20.25 26.86 -0.21
C HIS B 21 18.93 26.94 0.53
N THR B 22 18.19 25.84 0.60
CA THR B 22 16.90 25.78 1.30
C THR B 22 17.06 25.01 2.60
N THR B 23 16.28 25.42 3.60
CA THR B 23 16.38 24.85 4.95
C THR B 23 14.99 24.49 5.46
N SER B 24 14.90 23.36 6.15
CA SER B 24 13.65 22.92 6.79
C SER B 24 13.98 22.47 8.20
N THR B 25 13.37 23.13 9.18
CA THR B 25 13.62 22.85 10.60
C THR B 25 12.33 22.33 11.24
N THR B 26 12.45 21.24 11.98
CA THR B 26 11.34 20.66 12.71
C THR B 26 11.75 20.47 14.17
N GLN B 27 10.81 20.72 15.08
CA GLN B 27 11.06 20.60 16.50
C GLN B 27 10.45 19.34 17.11
N SER B 28 9.87 18.47 16.29
CA SER B 28 9.26 17.23 16.74
C SER B 28 9.72 16.08 15.85
N SER B 29 11.03 15.98 15.64
CA SER B 29 11.58 14.95 14.78
C SER B 29 11.71 13.63 15.53
N VAL B 30 11.51 12.54 14.80
CA VAL B 30 11.74 11.20 15.32
C VAL B 30 12.87 10.51 14.56
N GLY B 31 13.75 11.27 13.93
CA GLY B 31 14.85 10.71 13.19
C GLY B 31 14.60 10.71 11.69
N VAL B 32 15.55 10.14 10.96
CA VAL B 32 15.48 9.99 9.52
C VAL B 32 15.56 8.51 9.18
N THR B 33 14.63 8.04 8.35
CA THR B 33 14.66 6.69 7.83
C THR B 33 15.41 6.68 6.51
N TYR B 34 16.45 5.83 6.40
CA TYR B 34 17.35 5.83 5.26
C TYR B 34 17.01 4.76 4.24
N GLY B 35 15.73 4.47 4.05
CA GLY B 35 15.29 3.73 2.87
C GLY B 35 15.96 2.38 2.72
N TYR B 36 16.36 2.08 1.49
CA TYR B 36 16.95 0.80 1.15
C TYR B 36 18.47 0.82 1.17
N SER B 37 19.08 1.97 1.43
CA SER B 37 20.53 2.11 1.43
C SER B 37 20.88 3.47 2.04
N THR B 38 22.01 3.50 2.75
CA THR B 38 22.48 4.75 3.34
C THR B 38 23.20 5.65 2.34
N GLY B 39 23.47 5.15 1.13
CA GLY B 39 24.13 5.96 0.13
C GLY B 39 23.76 5.51 -1.27
N GLU B 40 24.25 6.26 -2.25
CA GLU B 40 24.00 5.96 -3.66
C GLU B 40 24.96 4.90 -4.15
N ASP B 41 24.53 4.18 -5.19
CA ASP B 41 25.40 3.23 -5.86
C ASP B 41 26.32 3.99 -6.82
N HIS B 42 27.06 3.26 -7.64
CA HIS B 42 27.99 3.89 -8.57
C HIS B 42 27.22 4.61 -9.66
N VAL B 43 27.70 5.79 -10.04
CA VAL B 43 27.02 6.65 -11.00
C VAL B 43 27.62 6.54 -12.40
N SER B 44 28.95 6.54 -12.50
CA SER B 44 29.62 6.47 -13.80
C SER B 44 29.63 5.02 -14.31
N GLY B 45 28.49 4.62 -14.84
CA GLY B 45 28.35 3.29 -15.40
C GLY B 45 28.82 3.23 -16.84
N PRO B 46 28.78 2.04 -17.44
CA PRO B 46 29.16 1.88 -18.84
C PRO B 46 28.07 2.22 -19.84
N ASN B 47 26.91 2.69 -19.39
CA ASN B 47 25.80 3.01 -20.26
C ASN B 47 25.73 4.49 -20.62
N THR B 48 26.66 5.30 -20.14
CA THR B 48 26.70 6.72 -20.44
C THR B 48 28.01 7.17 -21.05
N SER B 49 29.00 6.30 -21.15
CA SER B 49 30.28 6.60 -21.80
C SER B 49 30.97 7.80 -21.14
N GLY B 50 30.75 7.98 -19.84
CA GLY B 50 31.40 9.05 -19.11
C GLY B 50 30.88 10.43 -19.40
N LEU B 51 29.72 10.55 -20.06
CA LEU B 51 29.16 11.85 -20.41
C LEU B 51 28.18 12.38 -19.38
N GLU B 52 27.94 11.65 -18.30
CA GLU B 52 27.06 12.14 -17.25
C GLU B 52 27.70 13.31 -16.52
N THR B 53 26.86 14.20 -15.99
CA THR B 53 27.33 15.33 -15.23
C THR B 53 26.34 15.62 -14.11
N ARG B 54 26.83 16.24 -13.05
CA ARG B 54 26.02 16.49 -11.87
C ARG B 54 25.54 17.93 -11.84
N VAL B 55 24.25 18.12 -11.57
CA VAL B 55 23.65 19.44 -11.49
C VAL B 55 23.28 19.68 -10.03
N VAL B 56 24.06 20.52 -9.34
CA VAL B 56 23.79 20.81 -7.94
C VAL B 56 22.75 21.90 -7.73
N GLN B 57 22.37 22.61 -8.79
CA GLN B 57 21.36 23.65 -8.67
C GLN B 57 19.95 23.09 -8.56
N ALA B 58 19.77 21.79 -8.76
CA ALA B 58 18.47 21.16 -8.68
C ALA B 58 18.25 20.42 -7.38
N GLU B 59 19.22 20.39 -6.49
CA GLU B 59 19.09 19.70 -5.20
C GLU B 59 18.53 20.65 -4.14
N ARG B 60 17.29 21.06 -4.36
CA ARG B 60 16.60 21.99 -3.49
C ARG B 60 15.27 21.41 -3.06
N PHE B 61 14.63 22.07 -2.10
CA PHE B 61 13.33 21.65 -1.61
C PHE B 61 12.22 22.28 -2.45
N PHE B 62 11.23 21.49 -2.82
CA PHE B 62 10.03 22.00 -3.45
C PHE B 62 8.82 21.44 -2.73
N LYS B 63 7.71 22.18 -2.80
CA LYS B 63 6.55 21.94 -1.95
C LYS B 63 5.35 21.49 -2.77
N LYS B 64 4.50 20.68 -2.14
CA LYS B 64 3.33 20.13 -2.79
C LYS B 64 2.30 19.78 -1.72
N HIS B 65 1.02 19.95 -2.05
CA HIS B 65 -0.07 19.64 -1.14
C HIS B 65 -0.59 18.23 -1.44
N LEU B 66 -0.71 17.41 -0.39
CA LEU B 66 -1.11 16.01 -0.58
C LEU B 66 -2.62 15.81 -0.44
N PHE B 67 -3.15 16.06 0.75
CA PHE B 67 -4.59 15.89 0.98
C PHE B 67 -4.93 16.51 2.32
N ASP B 68 -6.23 16.60 2.59
CA ASP B 68 -6.74 17.12 3.86
C ASP B 68 -7.18 15.93 4.70
N TRP B 69 -6.43 15.63 5.74
CA TRP B 69 -6.75 14.52 6.63
C TRP B 69 -7.92 14.90 7.51
N THR B 70 -9.09 14.35 7.23
CA THR B 70 -10.31 14.65 7.95
C THR B 70 -10.81 13.41 8.69
N THR B 71 -11.86 13.61 9.48
CA THR B 71 -12.36 12.53 10.32
C THR B 71 -13.15 11.49 9.53
N ASP B 72 -13.55 11.80 8.30
CA ASP B 72 -14.33 10.86 7.52
C ASP B 72 -13.49 9.79 6.83
N LYS B 73 -12.18 9.96 6.78
CA LYS B 73 -11.34 9.03 6.04
C LYS B 73 -11.04 7.80 6.88
N PRO B 74 -11.43 6.61 6.46
CA PRO B 74 -11.21 5.42 7.27
C PRO B 74 -9.82 4.83 7.08
N PHE B 75 -9.56 3.69 7.71
CA PHE B 75 -8.30 2.99 7.47
C PHE B 75 -8.20 2.55 6.03
N GLY B 76 -7.00 2.61 5.47
CA GLY B 76 -6.75 2.18 4.11
C GLY B 76 -6.90 3.25 3.06
N HIS B 77 -7.21 4.48 3.44
CA HIS B 77 -7.29 5.58 2.49
C HIS B 77 -5.89 5.98 2.06
N ILE B 78 -5.56 5.77 0.79
CA ILE B 78 -4.23 6.01 0.27
C ILE B 78 -4.25 7.21 -0.66
N GLU B 79 -3.32 8.15 -0.42
CA GLU B 79 -3.04 9.23 -1.35
C GLU B 79 -1.60 9.07 -1.82
N LYS B 80 -1.41 9.02 -3.14
CA LYS B 80 -0.11 8.76 -3.73
C LYS B 80 0.43 10.00 -4.43
N LEU B 81 1.75 10.03 -4.61
CA LEU B 81 2.40 11.12 -5.34
C LEU B 81 3.65 10.54 -5.99
N GLU B 82 3.59 10.33 -7.31
CA GLU B 82 4.76 9.88 -8.03
C GLU B 82 5.83 10.97 -8.01
N LEU B 83 6.99 10.63 -7.45
CA LEU B 83 7.95 11.67 -7.06
C LEU B 83 8.45 12.51 -8.23
N PRO B 84 8.85 11.97 -9.38
CA PRO B 84 9.14 12.86 -10.50
C PRO B 84 7.84 13.47 -10.98
N THR B 85 7.59 14.72 -10.62
CA THR B 85 6.29 15.33 -10.85
C THR B 85 6.42 16.60 -11.66
N ASP B 86 5.32 17.34 -11.80
CA ASP B 86 5.34 18.58 -12.56
C ASP B 86 6.10 19.64 -11.75
N HIS B 87 7.39 19.74 -11.99
CA HIS B 87 8.27 20.65 -11.26
C HIS B 87 8.48 21.90 -12.11
N LYS B 88 8.30 23.07 -11.50
CA LYS B 88 8.34 24.33 -12.22
C LYS B 88 9.68 25.05 -12.07
N GLY B 89 10.68 24.40 -11.51
CA GLY B 89 11.96 25.04 -11.28
C GLY B 89 13.09 24.47 -12.10
N VAL B 90 14.28 24.36 -11.50
CA VAL B 90 15.45 23.89 -12.22
C VAL B 90 15.29 22.40 -12.57
N TYR B 91 14.71 21.63 -11.66
CA TYR B 91 14.60 20.18 -11.87
C TYR B 91 13.72 19.86 -13.07
N GLY B 92 12.59 20.55 -13.21
CA GLY B 92 11.76 20.34 -14.37
C GLY B 92 12.44 20.76 -15.67
N GLN B 93 13.22 21.84 -15.60
CA GLN B 93 14.00 22.25 -16.75
C GLN B 93 15.00 21.17 -17.16
N LEU B 94 15.63 20.53 -16.17
CA LEU B 94 16.53 19.43 -16.47
C LEU B 94 15.78 18.26 -17.10
N VAL B 95 14.59 17.95 -16.58
CA VAL B 95 13.81 16.86 -17.15
C VAL B 95 13.47 17.16 -18.61
N ASP B 96 13.20 18.42 -18.92
CA ASP B 96 12.88 18.79 -20.30
C ASP B 96 14.11 19.00 -21.18
N SER B 97 15.30 19.11 -20.61
CA SER B 97 16.49 19.42 -21.40
C SER B 97 17.49 18.27 -21.50
N PHE B 98 17.33 17.20 -20.74
CA PHE B 98 18.22 16.06 -20.82
C PHE B 98 17.42 14.78 -20.99
N ALA B 99 17.95 13.86 -21.80
CA ALA B 99 17.22 12.63 -22.09
C ALA B 99 17.21 11.69 -20.89
N TYR B 100 18.36 11.53 -20.24
CA TYR B 100 18.52 10.52 -19.20
C TYR B 100 18.88 11.21 -17.89
N MET B 101 18.32 10.70 -16.79
CA MET B 101 18.48 11.35 -15.49
C MET B 101 18.37 10.31 -14.39
N ARG B 102 19.06 10.56 -13.28
CA ARG B 102 18.94 9.75 -12.09
C ARG B 102 19.10 10.62 -10.86
N ASN B 103 18.36 10.29 -9.80
CA ASN B 103 18.43 11.03 -8.54
C ASN B 103 17.66 10.28 -7.48
N GLY B 104 18.13 10.38 -6.24
CA GLY B 104 17.38 9.94 -5.10
C GLY B 104 16.42 11.02 -4.62
N TRP B 105 15.70 10.72 -3.55
CA TRP B 105 14.74 11.66 -3.00
C TRP B 105 14.93 11.80 -1.50
N ASP B 106 14.65 13.00 -1.00
CA ASP B 106 14.70 13.33 0.42
C ASP B 106 13.34 13.92 0.79
N VAL B 107 12.46 13.10 1.36
CA VAL B 107 11.05 13.42 1.49
C VAL B 107 10.74 13.76 2.94
N GLU B 108 10.10 14.91 3.15
CA GLU B 108 9.58 15.31 4.45
C GLU B 108 8.09 15.57 4.32
N VAL B 109 7.29 14.92 5.15
CA VAL B 109 5.83 15.05 5.10
C VAL B 109 5.36 15.64 6.42
N SER B 110 4.59 16.72 6.35
CA SER B 110 4.15 17.47 7.52
C SER B 110 2.64 17.37 7.66
N ALA B 111 2.18 17.03 8.87
CA ALA B 111 0.76 16.97 9.20
C ALA B 111 0.59 17.66 10.55
N VAL B 112 0.36 18.97 10.52
CA VAL B 112 0.36 19.80 11.73
C VAL B 112 -1.08 19.93 12.22
N GLY B 113 -1.35 19.34 13.38
CA GLY B 113 -2.58 19.58 14.11
C GLY B 113 -2.26 20.16 15.47
N ASN B 114 -2.66 19.47 16.53
CA ASN B 114 -2.13 19.77 17.86
C ASN B 114 -2.20 18.49 18.68
N GLN B 115 -1.53 18.52 19.82
CA GLN B 115 -1.39 17.31 20.63
C GLN B 115 -2.70 16.79 21.20
N PHE B 116 -3.84 17.42 20.92
CA PHE B 116 -5.13 16.91 21.35
C PHE B 116 -5.90 16.19 20.25
N ASN B 117 -5.24 15.88 19.14
CA ASN B 117 -5.83 15.07 18.09
C ASN B 117 -5.30 13.63 18.18
N GLY B 118 -6.10 12.70 17.66
CA GLY B 118 -5.72 11.31 17.61
C GLY B 118 -5.41 10.85 16.20
N GLY B 119 -5.29 9.54 16.05
CA GLY B 119 -5.05 8.93 14.76
C GLY B 119 -3.57 8.83 14.42
N CYS B 120 -3.33 8.22 13.27
CA CYS B 120 -1.96 7.93 12.84
C CYS B 120 -1.93 7.78 11.33
N LEU B 121 -0.96 8.45 10.70
CA LEU B 121 -0.71 8.31 9.28
C LEU B 121 0.54 7.48 9.05
N LEU B 122 0.53 6.67 8.01
CA LEU B 122 1.70 5.92 7.59
C LEU B 122 2.23 6.56 6.31
N VAL B 123 3.43 7.12 6.38
CA VAL B 123 4.09 7.72 5.23
C VAL B 123 5.16 6.77 4.74
N ALA B 124 5.02 6.28 3.50
CA ALA B 124 5.92 5.29 2.96
C ALA B 124 6.32 5.64 1.53
N MET B 125 7.55 5.27 1.17
CA MET B 125 8.05 5.39 -0.18
C MET B 125 8.03 4.00 -0.82
N VAL B 126 7.29 3.86 -1.91
CA VAL B 126 7.07 2.58 -2.56
C VAL B 126 7.77 2.60 -3.92
N PRO B 127 8.75 1.73 -4.16
CA PRO B 127 9.30 1.62 -5.51
C PRO B 127 8.38 0.83 -6.42
N GLU B 128 8.26 1.30 -7.66
CA GLU B 128 7.42 0.69 -8.68
C GLU B 128 6.00 0.47 -8.16
N PHE B 129 5.36 1.58 -7.81
CA PHE B 129 4.05 1.51 -7.18
C PHE B 129 3.01 0.87 -8.08
N LYS B 130 2.15 0.05 -7.47
CA LYS B 130 1.00 -0.54 -8.11
C LYS B 130 -0.17 -0.44 -7.15
N GLU B 131 -1.38 -0.25 -7.68
CA GLU B 131 -2.54 -0.06 -6.83
C GLU B 131 -2.74 -1.24 -5.90
N PHE B 132 -2.57 -1.02 -4.60
CA PHE B 132 -2.64 -2.09 -3.62
C PHE B 132 -4.08 -2.51 -3.37
N THR B 133 -4.29 -3.81 -3.20
CA THR B 133 -5.60 -4.31 -2.82
C THR B 133 -5.86 -3.98 -1.35
N THR B 134 -7.07 -4.30 -0.90
CA THR B 134 -7.43 -4.02 0.49
C THR B 134 -6.54 -4.81 1.46
N ARG B 135 -6.29 -6.07 1.15
CA ARG B 135 -5.51 -6.91 2.06
C ARG B 135 -4.04 -6.51 2.07
N GLU B 136 -3.50 -6.07 0.94
CA GLU B 136 -2.09 -5.71 0.88
C GLU B 136 -1.76 -4.48 1.70
N LYS B 137 -2.74 -3.63 2.00
CA LYS B 137 -2.48 -2.44 2.79
C LYS B 137 -2.03 -2.76 4.20
N TYR B 138 -2.30 -3.98 4.67
CA TYR B 138 -1.86 -4.38 6.00
C TYR B 138 -0.36 -4.63 6.07
N GLN B 139 0.28 -4.86 4.93
CA GLN B 139 1.72 -5.12 4.87
C GLN B 139 2.49 -3.96 4.28
N LEU B 140 1.93 -2.76 4.31
CA LEU B 140 2.56 -1.60 3.69
C LEU B 140 3.81 -1.16 4.43
N THR B 141 4.08 -1.68 5.63
CA THR B 141 5.27 -1.32 6.37
C THR B 141 6.52 -2.03 5.87
N LEU B 142 6.41 -2.87 4.84
CA LEU B 142 7.59 -3.47 4.24
C LEU B 142 8.44 -2.46 3.50
N PHE B 143 7.90 -1.30 3.20
CA PHE B 143 8.60 -0.26 2.47
C PHE B 143 9.16 0.77 3.46
N PRO B 144 10.17 1.54 3.04
CA PRO B 144 10.71 2.60 3.92
C PRO B 144 9.60 3.55 4.33
N HIS B 145 9.46 3.73 5.64
CA HIS B 145 8.27 4.40 6.15
C HIS B 145 8.55 5.01 7.51
N GLN B 146 7.69 5.97 7.87
CA GLN B 146 7.54 6.44 9.24
C GLN B 146 6.06 6.71 9.49
N PHE B 147 5.71 6.79 10.76
CA PHE B 147 4.36 7.15 11.17
C PHE B 147 4.30 8.61 11.58
N ILE B 148 3.14 9.22 11.40
CA ILE B 148 2.86 10.54 11.93
C ILE B 148 1.69 10.43 12.89
N SER B 149 1.92 10.76 14.15
CA SER B 149 0.87 10.75 15.16
C SER B 149 0.92 12.08 15.90
N PRO B 150 -0.22 12.79 16.01
CA PRO B 150 -0.20 14.10 16.65
C PRO B 150 0.30 14.11 18.08
N ARG B 151 0.20 12.97 18.79
CA ARG B 151 0.70 12.93 20.15
C ARG B 151 2.22 12.97 20.21
N THR B 152 2.89 12.54 19.14
CA THR B 152 4.35 12.41 19.15
C THR B 152 5.04 13.38 18.20
N ASN B 153 4.71 13.35 16.92
CA ASN B 153 5.48 14.08 15.92
C ASN B 153 4.54 14.69 14.88
N MET B 154 5.04 15.73 14.22
CA MET B 154 4.32 16.38 13.14
C MET B 154 4.98 16.21 11.78
N THR B 155 6.09 15.47 11.70
CA THR B 155 6.85 15.37 10.47
C THR B 155 7.50 14.00 10.36
N ALA B 156 7.45 13.42 9.17
CA ALA B 156 8.15 12.20 8.84
C ALA B 156 9.17 12.50 7.75
N HIS B 157 10.40 12.02 7.95
CA HIS B 157 11.50 12.33 7.05
C HIS B 157 12.11 11.02 6.55
N ILE B 158 12.06 10.81 5.23
CA ILE B 158 12.53 9.58 4.61
C ILE B 158 13.51 9.94 3.50
N THR B 159 14.65 9.25 3.46
CA THR B 159 15.64 9.41 2.40
C THR B 159 15.81 8.08 1.68
N VAL B 160 15.65 8.10 0.37
CA VAL B 160 15.76 6.89 -0.45
C VAL B 160 16.75 7.13 -1.58
N PRO B 161 17.45 6.11 -2.05
CA PRO B 161 18.38 6.28 -3.16
C PRO B 161 17.67 6.12 -4.49
N TYR B 162 18.43 6.30 -5.57
CA TYR B 162 17.94 5.91 -6.88
C TYR B 162 18.03 4.41 -7.03
N LEU B 163 16.94 3.80 -7.49
CA LEU B 163 16.94 2.39 -7.81
C LEU B 163 15.98 2.15 -8.96
N GLY B 164 16.33 1.20 -9.81
CA GLY B 164 15.49 0.90 -10.95
C GLY B 164 16.14 -0.16 -11.80
N VAL B 165 15.40 -0.57 -12.82
CA VAL B 165 15.90 -1.56 -13.76
C VAL B 165 17.11 -1.02 -14.51
N ASN B 166 17.08 0.25 -14.88
CA ASN B 166 18.14 0.89 -15.65
C ASN B 166 18.91 1.85 -14.77
N ARG B 167 20.20 2.00 -15.08
CA ARG B 167 21.05 2.87 -14.26
C ARG B 167 20.62 4.33 -14.39
N TYR B 168 20.06 4.71 -15.53
CA TYR B 168 19.45 6.01 -15.74
C TYR B 168 18.05 5.80 -16.31
N ASP B 169 17.11 6.61 -15.85
CA ASP B 169 15.73 6.53 -16.31
C ASP B 169 15.36 7.71 -17.18
N GLN B 170 14.34 7.51 -18.01
CA GLN B 170 13.69 8.58 -18.76
C GLN B 170 12.40 8.90 -18.02
N TYR B 171 12.42 9.98 -17.24
CA TYR B 171 11.33 10.27 -16.32
C TYR B 171 10.01 10.59 -17.02
N ASN B 172 10.03 10.83 -18.33
CA ASN B 172 8.79 10.94 -19.07
C ASN B 172 8.19 9.60 -19.43
N LYS B 173 8.90 8.50 -19.15
CA LYS B 173 8.43 7.16 -19.45
C LYS B 173 8.29 6.27 -18.23
N HIS B 174 8.88 6.64 -17.09
CA HIS B 174 8.94 5.76 -15.94
C HIS B 174 9.18 6.58 -14.68
N LYS B 175 8.40 6.29 -13.63
CA LYS B 175 8.56 6.93 -12.32
C LYS B 175 8.96 5.87 -11.31
N PRO B 176 10.25 5.81 -10.93
CA PRO B 176 10.69 4.76 -10.00
C PRO B 176 9.98 4.77 -8.66
N TRP B 177 9.68 5.95 -8.12
CA TRP B 177 9.24 6.08 -6.74
C TRP B 177 7.83 6.67 -6.67
N THR B 178 7.19 6.42 -5.54
CA THR B 178 5.86 6.96 -5.27
C THR B 178 5.72 7.18 -3.77
N LEU B 179 5.26 8.36 -3.38
CA LEU B 179 5.07 8.70 -1.98
C LEU B 179 3.64 8.33 -1.59
N VAL B 180 3.50 7.34 -0.72
CA VAL B 180 2.21 6.81 -0.32
C VAL B 180 1.96 7.21 1.13
N VAL B 181 0.85 7.91 1.35
CA VAL B 181 0.39 8.25 2.69
C VAL B 181 -0.94 7.55 2.91
N MET B 182 -1.02 6.72 3.93
CA MET B 182 -2.20 5.92 4.22
C MET B 182 -2.68 6.18 5.64
N VAL B 183 -3.99 6.22 5.82
CA VAL B 183 -4.58 6.36 7.15
C VAL B 183 -4.52 5.02 7.85
N VAL B 184 -3.88 4.99 9.03
CA VAL B 184 -3.85 3.78 9.84
C VAL B 184 -4.95 3.80 10.89
N SER B 185 -5.05 4.90 11.62
CA SER B 185 -6.13 5.12 12.57
C SER B 185 -6.82 6.44 12.23
N PRO B 186 -8.15 6.48 12.23
CA PRO B 186 -8.84 7.70 11.81
C PRO B 186 -8.53 8.87 12.71
N LEU B 187 -8.58 10.07 12.13
CA LEU B 187 -8.35 11.28 12.91
C LEU B 187 -9.41 11.42 13.99
N THR B 188 -8.97 11.71 15.21
CA THR B 188 -9.85 11.93 16.35
C THR B 188 -9.76 13.38 16.77
N THR B 189 -10.91 14.05 16.87
CA THR B 189 -10.97 15.46 17.20
C THR B 189 -11.86 15.65 18.41
N SER B 190 -11.32 16.27 19.45
CA SER B 190 -12.09 16.65 20.61
C SER B 190 -12.58 18.10 20.42
N SER B 191 -13.10 18.70 21.49
CA SER B 191 -13.54 20.09 21.41
C SER B 191 -12.37 21.05 21.28
N ILE B 192 -11.18 20.66 21.72
CA ILE B 192 -10.02 21.54 21.71
C ILE B 192 -9.00 21.20 20.64
N GLY B 193 -9.17 20.09 19.93
CA GLY B 193 -8.25 19.71 18.87
C GLY B 193 -8.56 20.41 17.56
N ALA B 194 -7.74 20.10 16.57
CA ALA B 194 -7.93 20.67 15.24
C ALA B 194 -9.04 19.95 14.51
N SER B 195 -9.86 20.73 13.80
CA SER B 195 -10.97 20.15 13.03
C SER B 195 -10.45 19.18 11.97
N GLN B 196 -9.37 19.56 11.28
CA GLN B 196 -8.76 18.73 10.26
C GLN B 196 -7.28 19.04 10.21
N ILE B 197 -6.54 18.19 9.50
CA ILE B 197 -5.10 18.35 9.35
C ILE B 197 -4.77 18.33 7.86
N LYS B 198 -4.12 19.39 7.39
CA LYS B 198 -3.66 19.44 6.01
C LYS B 198 -2.25 18.88 5.92
N VAL B 199 -2.01 18.05 4.91
CA VAL B 199 -0.75 17.33 4.76
C VAL B 199 0.02 17.91 3.58
N TYR B 200 1.25 18.34 3.83
CA TYR B 200 2.12 18.94 2.84
C TYR B 200 3.43 18.17 2.77
N THR B 201 4.20 18.40 1.70
CA THR B 201 5.46 17.71 1.47
C THR B 201 6.58 18.70 1.18
N ASN B 202 7.77 18.39 1.69
CA ASN B 202 9.01 19.04 1.27
C ASN B 202 9.89 17.95 0.68
N ILE B 203 9.98 17.92 -0.65
CA ILE B 203 10.70 16.89 -1.38
C ILE B 203 11.90 17.51 -2.06
N ALA B 204 13.06 16.89 -1.91
CA ALA B 204 14.30 17.41 -2.46
C ALA B 204 15.02 16.31 -3.23
N PRO B 205 15.27 16.48 -4.52
CA PRO B 205 16.10 15.52 -5.24
C PRO B 205 17.52 15.52 -4.69
N THR B 206 18.13 14.34 -4.63
CA THR B 206 19.48 14.19 -4.13
C THR B 206 20.34 13.52 -5.20
N HIS B 207 21.57 14.02 -5.35
CA HIS B 207 22.56 13.43 -6.25
C HIS B 207 22.04 13.38 -7.69
N VAL B 208 21.67 14.55 -8.21
CA VAL B 208 21.06 14.63 -9.53
C VAL B 208 22.17 14.53 -10.58
N HIS B 209 22.04 13.56 -11.48
CA HIS B 209 22.93 13.41 -12.61
C HIS B 209 22.11 13.36 -13.90
N VAL B 210 22.60 14.03 -14.93
CA VAL B 210 21.93 14.08 -16.22
C VAL B 210 22.90 13.62 -17.30
N ALA B 211 22.35 13.11 -18.39
CA ALA B 211 23.15 12.62 -19.51
C ALA B 211 22.33 12.67 -20.78
N GLY B 212 22.92 13.23 -21.84
CA GLY B 212 22.25 13.29 -23.12
C GLY B 212 21.54 14.62 -23.32
N GLU B 213 22.13 15.50 -24.14
CA GLU B 213 21.62 16.84 -24.31
C GLU B 213 20.59 16.85 -25.43
N LEU B 214 19.40 17.30 -25.13
CA LEU B 214 18.34 17.28 -26.13
C LEU B 214 18.33 18.58 -26.93
N PRO B 215 17.83 18.54 -28.16
CA PRO B 215 17.73 19.75 -28.96
C PRO B 215 16.73 20.73 -28.36
N SER B 216 16.91 22.00 -28.68
CA SER B 216 16.00 23.03 -28.16
C SER B 216 14.60 22.81 -28.69
N LYS B 217 13.61 23.04 -27.82
CA LYS B 217 12.20 22.92 -28.19
C LYS B 217 11.81 24.15 -29.00
N GLU B 218 12.19 24.12 -30.27
CA GLU B 218 11.95 25.23 -31.20
C GLU B 218 12.59 26.53 -30.72
N GLY C 1 37.88 -52.91 -23.00
CA GLY C 1 38.68 -51.74 -22.70
C GLY C 1 37.84 -50.60 -22.16
N ILE C 2 36.55 -50.81 -22.07
CA ILE C 2 35.61 -49.81 -21.60
C ILE C 2 35.22 -50.13 -20.16
N VAL C 3 35.09 -49.10 -19.33
CA VAL C 3 34.64 -49.25 -17.95
C VAL C 3 33.21 -49.76 -17.94
N PRO C 4 32.93 -50.90 -17.29
CA PRO C 4 31.55 -51.38 -17.19
C PRO C 4 30.79 -50.59 -16.14
N VAL C 5 29.56 -50.22 -16.46
CA VAL C 5 28.71 -49.43 -15.58
C VAL C 5 27.38 -50.15 -15.41
N ALA C 6 26.91 -50.27 -14.17
CA ALA C 6 25.61 -50.85 -13.88
C ALA C 6 24.59 -49.73 -13.85
N CYS C 7 23.76 -49.64 -14.88
CA CYS C 7 22.74 -48.61 -14.97
C CYS C 7 21.60 -48.95 -14.03
N SER C 8 21.63 -48.40 -12.82
CA SER C 8 20.65 -48.74 -11.80
C SER C 8 19.26 -48.31 -12.21
N ASP C 9 18.27 -49.11 -11.83
CA ASP C 9 16.92 -48.95 -12.38
C ASP C 9 16.15 -47.82 -11.71
N GLY C 10 16.03 -47.86 -10.38
CA GLY C 10 15.23 -46.86 -9.70
C GLY C 10 15.82 -45.47 -9.72
N TYR C 11 17.11 -45.35 -10.02
CA TYR C 11 17.79 -44.07 -10.01
C TYR C 11 17.48 -43.31 -11.30
N GLY C 12 17.94 -42.06 -11.34
CA GLY C 12 17.59 -41.21 -12.45
C GLY C 12 16.20 -40.62 -12.26
N GLY C 13 15.63 -40.16 -13.36
CA GLY C 13 14.36 -39.50 -13.31
C GLY C 13 14.48 -38.09 -12.77
N LEU C 14 13.40 -37.33 -12.94
CA LEU C 14 13.39 -35.92 -12.58
C LEU C 14 12.67 -35.73 -11.25
N VAL C 15 13.33 -35.04 -10.33
CA VAL C 15 12.73 -34.62 -9.07
C VAL C 15 12.81 -33.10 -9.01
N THR C 16 11.66 -32.45 -8.77
CA THR C 16 11.60 -31.00 -8.89
C THR C 16 12.48 -30.28 -7.88
N THR C 17 12.86 -30.94 -6.79
CA THR C 17 13.75 -30.36 -5.80
C THR C 17 15.14 -31.00 -5.83
N ASP C 18 15.49 -31.67 -6.93
CA ASP C 18 16.74 -32.39 -7.00
C ASP C 18 17.92 -31.40 -7.04
N PRO C 19 19.01 -31.70 -6.34
CA PRO C 19 20.14 -30.76 -6.28
C PRO C 19 21.14 -30.86 -7.43
N LYS C 20 20.78 -31.47 -8.56
CA LYS C 20 21.64 -31.47 -9.73
C LYS C 20 21.48 -30.16 -10.52
N THR C 21 22.41 -29.94 -11.44
CA THR C 21 22.35 -28.81 -12.36
C THR C 21 22.31 -29.33 -13.79
N ALA C 22 21.67 -28.56 -14.67
CA ALA C 22 21.48 -28.99 -16.05
C ALA C 22 22.74 -28.75 -16.87
N ASP C 23 22.80 -29.42 -18.03
CA ASP C 23 23.92 -29.24 -18.94
C ASP C 23 23.81 -27.88 -19.63
N PRO C 24 24.90 -27.13 -19.72
CA PRO C 24 24.84 -25.82 -20.38
C PRO C 24 24.60 -25.96 -21.87
N ALA C 25 24.04 -24.90 -22.45
CA ALA C 25 23.74 -24.87 -23.87
C ALA C 25 24.28 -23.65 -24.60
N TYR C 26 24.46 -22.51 -23.92
CA TYR C 26 24.80 -21.26 -24.59
C TYR C 26 25.99 -20.65 -23.88
N GLY C 27 26.94 -20.12 -24.65
CA GLY C 27 28.29 -19.88 -24.20
C GLY C 27 28.52 -18.75 -23.21
N MET C 28 29.72 -18.17 -23.29
CA MET C 28 30.17 -17.18 -22.31
C MET C 28 29.33 -15.92 -22.38
N VAL C 29 28.60 -15.65 -21.30
CA VAL C 29 27.73 -14.47 -21.20
C VAL C 29 28.12 -13.70 -19.96
N TYR C 30 28.35 -12.40 -20.11
CA TYR C 30 28.67 -11.51 -19.00
C TYR C 30 27.48 -10.63 -18.69
N ASN C 31 27.03 -10.67 -17.44
CA ASN C 31 25.90 -9.87 -17.02
C ASN C 31 26.32 -8.41 -16.83
N PRO C 32 25.41 -7.46 -17.06
CA PRO C 32 25.70 -6.09 -16.72
C PRO C 32 25.84 -5.92 -15.21
N PRO C 33 26.65 -4.96 -14.77
CA PRO C 33 26.94 -4.84 -13.33
C PRO C 33 25.69 -4.54 -12.51
N ARG C 34 25.66 -5.11 -11.31
CA ARG C 34 24.63 -4.80 -10.31
C ARG C 34 25.25 -4.67 -8.93
N THR C 35 26.49 -4.20 -8.85
CA THR C 35 27.17 -4.06 -7.58
C THR C 35 26.46 -3.05 -6.69
N ASN C 36 26.29 -3.40 -5.42
CA ASN C 36 25.70 -2.52 -4.42
C ASN C 36 24.30 -2.07 -4.82
N TYR C 37 23.52 -2.97 -5.38
CA TYR C 37 22.14 -2.63 -5.70
C TYR C 37 21.34 -2.52 -4.41
N PRO C 38 20.59 -1.44 -4.21
CA PRO C 38 19.90 -1.24 -2.94
C PRO C 38 18.83 -2.30 -2.69
N GLY C 39 18.61 -2.59 -1.42
CA GLY C 39 17.44 -3.33 -0.97
C GLY C 39 17.65 -4.79 -0.69
N ARG C 40 18.74 -5.40 -1.19
CA ARG C 40 18.87 -6.85 -1.22
C ARG C 40 18.57 -7.50 0.12
N PHE C 41 17.82 -8.59 0.09
CA PHE C 41 17.60 -9.44 1.25
C PHE C 41 17.85 -10.89 0.86
N THR C 42 18.67 -11.57 1.67
CA THR C 42 19.07 -12.95 1.38
C THR C 42 18.33 -13.97 2.22
N ASN C 43 17.44 -13.54 3.10
CA ASN C 43 16.70 -14.47 3.95
C ASN C 43 15.37 -13.83 4.29
N LEU C 44 14.28 -14.60 4.10
CA LEU C 44 12.95 -14.06 4.31
C LEU C 44 12.72 -13.67 5.75
N LEU C 45 13.29 -14.42 6.69
CA LEU C 45 13.08 -14.11 8.09
C LEU C 45 13.79 -12.83 8.52
N ASP C 46 14.84 -12.41 7.81
CA ASP C 46 15.40 -11.09 8.08
C ASP C 46 14.37 -10.00 7.80
N VAL C 47 13.66 -10.10 6.68
CA VAL C 47 12.61 -9.14 6.37
C VAL C 47 11.48 -9.25 7.38
N ALA C 48 11.11 -10.48 7.76
CA ALA C 48 10.02 -10.66 8.73
C ALA C 48 10.38 -10.07 10.08
N GLU C 49 11.66 -10.16 10.47
CA GLU C 49 12.09 -9.61 11.74
C GLU C 49 12.20 -8.10 11.70
N ALA C 50 12.68 -7.54 10.58
CA ALA C 50 12.90 -6.10 10.51
C ALA C 50 11.61 -5.31 10.32
N CYS C 51 10.63 -5.87 9.62
CA CYS C 51 9.45 -5.11 9.19
C CYS C 51 8.17 -5.71 9.74
N PRO C 52 7.66 -5.22 10.87
CA PRO C 52 6.38 -5.72 11.38
C PRO C 52 5.21 -5.28 10.52
N THR C 53 4.16 -6.11 10.53
CA THR C 53 2.95 -5.86 9.75
C THR C 53 1.73 -5.99 10.64
N PHE C 54 0.64 -5.34 10.21
CA PHE C 54 -0.52 -5.15 11.06
C PHE C 54 -1.37 -6.41 11.16
N LEU C 55 -2.06 -6.54 12.29
CA LEU C 55 -3.07 -7.58 12.48
C LEU C 55 -4.42 -7.07 11.98
N CYS C 56 -5.46 -7.88 12.15
CA CYS C 56 -6.79 -7.56 11.63
C CYS C 56 -7.83 -7.91 12.68
N PHE C 57 -8.44 -6.89 13.28
CA PHE C 57 -9.51 -7.05 14.26
C PHE C 57 -10.79 -6.47 13.69
N ASP C 58 -11.85 -6.52 14.50
CA ASP C 58 -13.11 -5.85 14.22
C ASP C 58 -13.60 -6.11 12.80
N ASP C 59 -14.08 -5.07 12.14
CA ASP C 59 -14.47 -5.15 10.73
C ASP C 59 -13.28 -4.80 9.82
N GLY C 60 -12.19 -5.54 10.01
CA GLY C 60 -11.00 -5.34 9.21
C GLY C 60 -10.23 -4.08 9.53
N LYS C 61 -9.96 -3.85 10.80
CA LYS C 61 -9.15 -2.71 11.23
C LYS C 61 -7.86 -3.19 11.87
N PRO C 62 -6.74 -2.50 11.63
CA PRO C 62 -5.47 -2.88 12.25
C PRO C 62 -5.36 -2.51 13.72
N TYR C 63 -6.43 -2.02 14.34
CA TYR C 63 -6.39 -1.52 15.70
C TYR C 63 -7.57 -2.03 16.50
N VAL C 64 -7.38 -2.05 17.81
CA VAL C 64 -8.46 -2.31 18.76
C VAL C 64 -8.80 -1.00 19.45
N VAL C 65 -10.09 -0.71 19.54
CA VAL C 65 -10.57 0.55 20.10
C VAL C 65 -11.10 0.30 21.50
N THR C 66 -10.96 1.30 22.36
CA THR C 66 -11.49 1.21 23.71
C THR C 66 -13.00 0.96 23.68
N ARG C 67 -13.44 -0.02 24.46
CA ARG C 67 -14.84 -0.39 24.50
C ARG C 67 -15.57 0.45 25.55
N ALA C 68 -16.74 0.95 25.20
CA ALA C 68 -17.57 1.66 26.16
C ALA C 68 -18.17 0.71 27.19
N ASP C 69 -18.42 -0.54 26.80
CA ASP C 69 -19.01 -1.51 27.69
C ASP C 69 -18.06 -1.84 28.84
N GLU C 70 -18.60 -2.54 29.85
CA GLU C 70 -17.77 -2.98 30.95
C GLU C 70 -16.82 -4.11 30.55
N GLN C 71 -16.98 -4.67 29.36
CA GLN C 71 -16.07 -5.73 28.92
C GLN C 71 -14.66 -5.16 28.76
N ARG C 72 -13.67 -5.93 29.20
CA ARG C 72 -12.30 -5.47 29.27
C ARG C 72 -11.37 -6.22 28.31
N LEU C 73 -11.85 -7.29 27.67
CA LEU C 73 -11.11 -8.04 26.66
C LEU C 73 -11.26 -7.33 25.31
N LEU C 74 -10.20 -6.65 24.89
CA LEU C 74 -10.23 -5.99 23.59
C LEU C 74 -10.21 -7.00 22.45
N ALA C 75 -9.33 -7.99 22.53
CA ALA C 75 -9.21 -8.97 21.46
C ALA C 75 -8.47 -10.20 21.98
N LYS C 76 -8.90 -11.36 21.50
CA LYS C 76 -8.18 -12.61 21.70
C LYS C 76 -8.05 -13.30 20.36
N PHE C 77 -6.91 -13.97 20.15
CA PHE C 77 -6.74 -14.71 18.91
C PHE C 77 -5.90 -15.95 19.16
N ASP C 78 -6.12 -16.95 18.33
CA ASP C 78 -5.35 -18.17 18.40
C ASP C 78 -3.90 -17.88 18.01
N LEU C 79 -2.96 -18.53 18.71
CA LEU C 79 -1.55 -18.28 18.46
C LEU C 79 -1.09 -18.84 17.13
N SER C 80 -1.92 -19.63 16.45
CA SER C 80 -1.54 -20.22 15.17
C SER C 80 -1.24 -19.13 14.15
N LEU C 81 -0.28 -19.44 13.27
CA LEU C 81 0.00 -18.57 12.13
C LEU C 81 -1.10 -18.62 11.08
N ALA C 82 -2.05 -19.54 11.22
CA ALA C 82 -3.21 -19.62 10.35
C ALA C 82 -4.42 -18.90 10.92
N ALA C 83 -4.24 -18.13 11.99
CA ALA C 83 -5.35 -17.46 12.65
C ALA C 83 -5.93 -16.37 11.76
N LYS C 84 -7.20 -16.04 12.01
CA LYS C 84 -7.86 -14.99 11.24
C LYS C 84 -7.19 -13.65 11.47
N HIS C 85 -6.66 -13.42 12.68
CA HIS C 85 -6.10 -12.12 13.01
C HIS C 85 -4.75 -11.91 12.35
N MET C 86 -4.02 -12.99 12.06
CA MET C 86 -2.73 -12.92 11.38
C MET C 86 -2.86 -13.06 9.87
N SER C 87 -4.06 -13.19 9.33
CA SER C 87 -4.22 -13.60 7.94
C SER C 87 -3.68 -12.57 6.95
N ASN C 88 -3.46 -11.32 7.37
CA ASN C 88 -2.98 -10.28 6.49
C ASN C 88 -1.56 -9.84 6.84
N THR C 89 -0.78 -10.72 7.44
CA THR C 89 0.56 -10.39 7.90
C THR C 89 1.61 -11.04 7.02
N TYR C 90 2.77 -10.40 6.92
CA TYR C 90 3.88 -10.96 6.15
C TYR C 90 4.34 -12.27 6.76
N LEU C 91 4.35 -12.35 8.09
CA LEU C 91 4.77 -13.56 8.77
C LEU C 91 3.89 -14.75 8.37
N SER C 92 2.58 -14.57 8.39
CA SER C 92 1.69 -15.62 7.91
C SER C 92 1.84 -15.85 6.41
N GLY C 93 2.08 -14.79 5.65
CA GLY C 93 2.24 -14.94 4.22
C GLY C 93 3.40 -15.83 3.85
N ILE C 94 4.49 -15.76 4.59
CA ILE C 94 5.61 -16.65 4.32
C ILE C 94 5.46 -17.98 5.05
N ALA C 95 4.77 -18.01 6.19
CA ALA C 95 4.61 -19.26 6.93
C ALA C 95 3.62 -20.21 6.27
N GLN C 96 2.76 -19.70 5.39
CA GLN C 96 1.86 -20.59 4.67
C GLN C 96 2.61 -21.54 3.75
N TYR C 97 3.87 -21.25 3.43
CA TYR C 97 4.65 -22.07 2.51
C TYR C 97 5.62 -22.99 3.24
N TYR C 98 5.47 -23.14 4.55
CA TYR C 98 6.30 -24.05 5.34
C TYR C 98 5.40 -24.89 6.22
N ALA C 99 5.81 -26.14 6.44
CA ALA C 99 4.99 -27.05 7.22
C ALA C 99 5.06 -26.78 8.70
N GLN C 100 6.24 -26.43 9.21
CA GLN C 100 6.50 -26.38 10.64
C GLN C 100 7.26 -25.12 10.99
N TYR C 101 7.12 -24.68 12.24
CA TYR C 101 7.83 -23.51 12.71
C TYR C 101 8.29 -23.71 14.14
N SER C 102 9.07 -22.75 14.63
CA SER C 102 9.54 -22.75 16.01
C SER C 102 10.08 -21.36 16.32
N GLY C 103 10.03 -21.00 17.58
CA GLY C 103 10.65 -19.77 18.04
C GLY C 103 9.63 -18.75 18.53
N THR C 104 10.13 -17.52 18.69
CA THR C 104 9.40 -16.45 19.35
C THR C 104 8.72 -15.55 18.31
N ILE C 105 7.51 -15.10 18.66
CA ILE C 105 6.74 -14.17 17.83
C ILE C 105 6.56 -12.88 18.63
N ASN C 106 6.89 -11.75 18.01
CA ASN C 106 6.83 -10.46 18.68
C ASN C 106 5.57 -9.70 18.27
N LEU C 107 4.88 -9.14 19.26
CA LEU C 107 3.74 -8.27 19.03
C LEU C 107 4.12 -6.84 19.36
N HIS C 108 3.70 -5.90 18.52
CA HIS C 108 3.99 -4.48 18.72
C HIS C 108 2.67 -3.74 18.91
N PHE C 109 2.54 -3.05 20.02
CA PHE C 109 1.33 -2.31 20.36
C PHE C 109 1.67 -0.82 20.33
N MET C 110 1.16 -0.11 19.34
CA MET C 110 1.42 1.32 19.19
C MET C 110 0.14 2.08 19.49
N PHE C 111 0.17 2.87 20.55
CA PHE C 111 -1.00 3.63 20.97
C PHE C 111 -1.10 4.92 20.16
N THR C 112 -2.26 5.16 19.59
CA THR C 112 -2.50 6.33 18.73
C THR C 112 -3.71 7.08 19.29
N GLY C 113 -3.47 7.95 20.26
CA GLY C 113 -4.54 8.74 20.85
C GLY C 113 -3.99 10.08 21.26
N SER C 114 -4.91 10.99 21.57
CA SER C 114 -4.51 12.34 21.95
C SER C 114 -3.71 12.30 23.24
N THR C 115 -2.94 13.36 23.47
CA THR C 115 -2.13 13.42 24.68
C THR C 115 -2.98 13.54 25.93
N ASP C 116 -4.27 13.85 25.79
CA ASP C 116 -5.19 13.82 26.92
C ASP C 116 -5.77 12.45 27.19
N SER C 117 -5.45 11.46 26.36
CA SER C 117 -5.95 10.10 26.54
C SER C 117 -4.84 9.24 27.14
N LYS C 118 -5.14 8.61 28.28
CA LYS C 118 -4.21 7.70 28.93
C LYS C 118 -4.91 6.38 29.19
N ALA C 119 -4.19 5.28 28.97
CA ALA C 119 -4.74 3.95 29.16
C ALA C 119 -3.65 3.02 29.67
N ARG C 120 -4.08 1.93 30.30
CA ARG C 120 -3.18 0.85 30.70
C ARG C 120 -3.69 -0.44 30.10
N TYR C 121 -2.81 -1.15 29.41
CA TYR C 121 -3.16 -2.38 28.71
C TYR C 121 -2.42 -3.57 29.30
N MET C 122 -2.93 -4.76 29.01
CA MET C 122 -2.34 -6.00 29.45
C MET C 122 -2.45 -7.02 28.32
N VAL C 123 -1.32 -7.66 27.99
CA VAL C 123 -1.30 -8.76 27.03
C VAL C 123 -0.87 -10.01 27.77
N ALA C 124 -1.59 -11.11 27.54
CA ALA C 124 -1.36 -12.35 28.26
C ALA C 124 -1.27 -13.50 27.29
N TYR C 125 -0.36 -14.43 27.58
CA TYR C 125 -0.23 -15.68 26.83
C TYR C 125 -0.89 -16.79 27.63
N VAL C 126 -1.94 -17.37 27.06
CA VAL C 126 -2.71 -18.44 27.71
C VAL C 126 -2.33 -19.76 27.05
N PRO C 127 -1.62 -20.64 27.73
CA PRO C 127 -1.23 -21.91 27.12
C PRO C 127 -2.44 -22.81 26.87
N PRO C 128 -2.32 -23.80 25.99
CA PRO C 128 -3.40 -24.77 25.85
C PRO C 128 -3.56 -25.60 27.12
N GLY C 129 -4.79 -26.02 27.37
CA GLY C 129 -5.08 -26.79 28.56
C GLY C 129 -6.35 -26.31 29.23
N VAL C 130 -6.84 -25.17 28.80
CA VAL C 130 -8.10 -24.61 29.27
C VAL C 130 -9.08 -24.63 28.12
N THR C 131 -10.36 -24.88 28.44
CA THR C 131 -11.36 -24.99 27.39
C THR C 131 -11.69 -23.64 26.77
N THR C 132 -11.47 -22.55 27.48
CA THR C 132 -11.82 -21.22 27.01
C THR C 132 -10.83 -20.20 27.55
N PRO C 133 -10.37 -19.28 26.70
CA PRO C 133 -9.49 -18.20 27.19
C PRO C 133 -10.18 -17.38 28.25
N PRO C 134 -9.45 -16.92 29.27
CA PRO C 134 -10.06 -16.07 30.28
C PRO C 134 -10.57 -14.76 29.67
N ASP C 135 -11.72 -14.32 30.15
CA ASP C 135 -12.33 -13.09 29.68
C ASP C 135 -12.11 -11.92 30.62
N THR C 136 -11.28 -12.09 31.66
CA THR C 136 -11.09 -11.06 32.64
C THR C 136 -9.61 -10.98 33.02
N PRO C 137 -9.06 -9.77 33.11
CA PRO C 137 -7.64 -9.65 33.46
C PRO C 137 -7.28 -10.26 34.80
N GLU C 138 -8.19 -10.28 35.77
CA GLU C 138 -7.84 -10.86 37.06
C GLU C 138 -7.75 -12.38 36.98
N ARG C 139 -8.36 -13.00 35.97
CA ARG C 139 -8.16 -14.42 35.74
C ARG C 139 -6.99 -14.70 34.80
N ALA C 140 -6.66 -13.75 33.92
CA ALA C 140 -5.52 -13.93 33.04
C ALA C 140 -4.20 -13.50 33.67
N ALA C 141 -4.23 -12.88 34.84
CA ALA C 141 -3.00 -12.46 35.50
C ALA C 141 -2.17 -13.63 36.01
N HIS C 142 -2.72 -14.84 36.00
CA HIS C 142 -2.00 -16.01 36.49
C HIS C 142 -1.14 -16.67 35.44
N CYS C 143 -1.24 -16.26 34.18
CA CYS C 143 -0.38 -16.77 33.12
C CYS C 143 0.67 -15.72 32.76
N ILE C 144 1.56 -16.08 31.83
CA ILE C 144 2.60 -15.16 31.41
C ILE C 144 1.96 -13.94 30.78
N HIS C 145 2.26 -12.76 31.32
CA HIS C 145 1.61 -11.54 30.86
C HIS C 145 2.52 -10.35 31.12
N ALA C 146 2.19 -9.23 30.46
CA ALA C 146 2.89 -7.97 30.64
C ALA C 146 1.86 -6.85 30.64
N GLU C 147 2.02 -5.90 31.57
CA GLU C 147 1.19 -4.71 31.62
C GLU C 147 2.05 -3.49 31.31
N TRP C 148 1.45 -2.50 30.65
CA TRP C 148 2.18 -1.28 30.35
C TRP C 148 1.21 -0.11 30.28
N ASP C 149 1.76 1.09 30.44
CA ASP C 149 1.02 2.34 30.37
C ASP C 149 1.41 3.11 29.12
N THR C 150 0.59 4.10 28.78
CA THR C 150 0.90 5.01 27.69
C THR C 150 1.65 6.23 28.23
N GLY C 151 2.52 6.79 27.39
CA GLY C 151 3.32 7.93 27.78
C GLY C 151 4.06 8.53 26.60
N LEU C 152 5.31 8.95 26.83
CA LEU C 152 6.12 9.46 25.72
C LEU C 152 6.39 8.37 24.68
N ASN C 153 6.75 7.17 25.14
CA ASN C 153 7.01 6.06 24.25
C ASN C 153 5.68 5.36 23.96
N SER C 154 5.24 5.45 22.71
CA SER C 154 3.92 4.97 22.33
C SER C 154 3.91 3.53 21.84
N LYS C 155 5.06 2.88 21.72
CA LYS C 155 5.16 1.53 21.18
C LYS C 155 5.71 0.59 22.23
N PHE C 156 5.00 -0.51 22.47
CA PHE C 156 5.41 -1.54 23.41
C PHE C 156 5.49 -2.88 22.68
N THR C 157 6.58 -3.60 22.89
CA THR C 157 6.83 -4.85 22.19
C THR C 157 6.81 -6.00 23.20
N PHE C 158 6.04 -7.03 22.91
CA PHE C 158 5.92 -8.20 23.76
C PHE C 158 6.25 -9.46 22.96
N SER C 159 7.08 -10.32 23.54
CA SER C 159 7.50 -11.56 22.89
C SER C 159 6.63 -12.70 23.40
N ILE C 160 5.97 -13.39 22.48
CA ILE C 160 5.16 -14.56 22.84
C ILE C 160 6.08 -15.78 22.86
N PRO C 161 6.30 -16.39 24.02
CA PRO C 161 7.26 -17.49 24.09
C PRO C 161 6.76 -18.72 23.36
N TYR C 162 7.70 -19.51 22.86
CA TYR C 162 7.39 -20.82 22.30
C TYR C 162 7.47 -21.84 23.42
N VAL C 163 6.33 -22.19 23.98
CA VAL C 163 6.22 -23.26 24.96
C VAL C 163 5.33 -24.32 24.36
N SER C 164 5.89 -25.49 24.10
CA SER C 164 5.14 -26.57 23.46
C SER C 164 5.76 -27.89 23.85
N ALA C 165 5.00 -28.97 23.67
CA ALA C 165 5.52 -30.30 23.94
C ALA C 165 6.58 -30.69 22.92
N ALA C 166 6.28 -30.50 21.63
CA ALA C 166 7.21 -30.85 20.56
C ALA C 166 8.16 -29.69 20.27
N ASP C 167 9.27 -30.02 19.63
CA ASP C 167 10.26 -29.00 19.31
C ASP C 167 9.78 -28.07 18.21
N TYR C 168 8.98 -28.56 17.28
CA TYR C 168 8.43 -27.76 16.20
C TYR C 168 6.92 -27.88 16.20
N ALA C 169 6.23 -26.80 15.86
CA ALA C 169 4.78 -26.77 15.79
C ALA C 169 4.34 -26.62 14.34
N TYR C 170 3.11 -27.02 14.06
CA TYR C 170 2.59 -26.94 12.70
C TYR C 170 2.16 -25.52 12.39
N THR C 171 2.51 -25.04 11.19
CA THR C 171 2.04 -23.73 10.77
C THR C 171 0.58 -23.77 10.34
N ALA C 172 0.11 -24.92 9.88
CA ALA C 172 -1.28 -25.06 9.49
C ALA C 172 -2.11 -25.62 10.65
N SER C 173 -3.41 -25.45 10.55
CA SER C 173 -4.35 -25.94 11.56
C SER C 173 -5.24 -27.01 10.95
N ASP C 174 -5.42 -28.10 11.68
CA ASP C 174 -6.19 -29.23 11.18
C ASP C 174 -7.68 -29.05 11.48
N VAL C 175 -8.52 -29.55 10.57
CA VAL C 175 -9.96 -29.43 10.74
C VAL C 175 -10.44 -30.26 11.92
N ALA C 176 -9.82 -31.41 12.18
CA ALA C 176 -10.26 -32.28 13.26
C ALA C 176 -9.69 -31.80 14.60
N ASP C 177 -9.90 -30.51 14.91
CA ASP C 177 -9.47 -29.96 16.18
C ASP C 177 -10.20 -28.65 16.45
N THR C 178 -10.88 -28.56 17.59
CA THR C 178 -11.66 -27.37 17.91
C THR C 178 -10.87 -26.35 18.73
N THR C 179 -9.80 -26.77 19.37
CA THR C 179 -8.94 -25.90 20.16
C THR C 179 -7.53 -25.95 19.60
N ASN C 180 -6.93 -24.79 19.37
CA ASN C 180 -5.60 -24.76 18.76
C ASN C 180 -4.58 -25.46 19.65
N VAL C 181 -3.67 -26.19 19.01
CA VAL C 181 -2.64 -26.90 19.75
C VAL C 181 -1.75 -25.93 20.50
N GLN C 182 -1.54 -24.73 19.96
CA GLN C 182 -0.94 -23.65 20.71
C GLN C 182 -2.04 -22.85 21.38
N GLY C 183 -1.66 -22.07 22.38
CA GLY C 183 -2.63 -21.38 23.21
C GLY C 183 -3.26 -20.18 22.54
N TRP C 184 -3.62 -19.18 23.35
CA TRP C 184 -4.20 -17.94 22.88
C TRP C 184 -3.35 -16.78 23.33
N VAL C 185 -3.56 -15.63 22.70
CA VAL C 185 -2.97 -14.37 23.12
C VAL C 185 -4.13 -13.40 23.34
N CYS C 186 -4.35 -13.02 24.59
CA CYS C 186 -5.44 -12.13 24.95
C CYS C 186 -4.90 -10.74 25.22
N ILE C 187 -5.65 -9.73 24.78
CA ILE C 187 -5.29 -8.33 25.00
C ILE C 187 -6.39 -7.69 25.82
N TYR C 188 -6.04 -7.09 26.95
CA TYR C 188 -6.99 -6.52 27.88
C TYR C 188 -6.72 -5.03 28.05
N GLN C 189 -7.78 -4.29 28.35
CA GLN C 189 -7.69 -2.89 28.71
C GLN C 189 -7.98 -2.79 30.21
N ILE C 190 -6.94 -2.69 31.02
CA ILE C 190 -7.12 -2.65 32.47
C ILE C 190 -7.86 -1.39 32.88
N THR C 191 -7.41 -0.24 32.41
CA THR C 191 -8.06 1.01 32.75
C THR C 191 -7.73 2.04 31.69
N HIS C 192 -8.52 3.11 31.66
CA HIS C 192 -8.38 4.16 30.67
C HIS C 192 -8.97 5.46 31.21
N GLY C 193 -8.32 6.56 30.90
CA GLY C 193 -8.84 7.87 31.27
C GLY C 193 -9.15 8.73 30.07
N LYS C 194 -10.44 8.98 29.83
CA LYS C 194 -10.89 9.77 28.68
C LYS C 194 -10.32 9.21 27.38
N ALA C 195 -10.27 7.89 27.27
CA ALA C 195 -9.65 7.21 26.15
C ALA C 195 -10.66 6.61 25.18
N GLU C 196 -11.91 7.08 25.21
CA GLU C 196 -12.90 6.60 24.25
C GLU C 196 -12.54 7.05 22.84
N GLN C 197 -12.85 6.19 21.87
CA GLN C 197 -12.53 6.43 20.46
C GLN C 197 -11.03 6.56 20.21
N ASP C 198 -10.21 5.96 21.06
CA ASP C 198 -8.76 5.95 20.89
C ASP C 198 -8.30 4.52 20.65
N THR C 199 -7.36 4.36 19.72
CA THR C 199 -7.06 3.07 19.13
C THR C 199 -5.67 2.59 19.52
N LEU C 200 -5.50 1.28 19.51
CA LEU C 200 -4.22 0.62 19.81
C LEU C 200 -3.86 -0.23 18.60
N VAL C 201 -2.95 0.27 17.78
CA VAL C 201 -2.53 -0.44 16.56
C VAL C 201 -1.60 -1.58 16.95
N VAL C 202 -1.87 -2.78 16.44
CA VAL C 202 -1.14 -3.99 16.81
C VAL C 202 -0.45 -4.54 15.57
N SER C 203 0.85 -4.79 15.68
CA SER C 203 1.66 -5.36 14.62
C SER C 203 2.29 -6.67 15.09
N VAL C 204 2.81 -7.43 14.14
CA VAL C 204 3.47 -8.70 14.43
C VAL C 204 4.72 -8.82 13.60
N SER C 205 5.77 -9.38 14.19
CA SER C 205 7.01 -9.65 13.47
C SER C 205 7.67 -10.87 14.09
N ALA C 206 8.56 -11.49 13.31
CA ALA C 206 9.28 -12.66 13.78
C ALA C 206 10.28 -12.28 14.87
N GLY C 207 10.42 -13.15 15.85
CA GLY C 207 11.36 -12.92 16.93
C GLY C 207 12.78 -13.27 16.53
N LYS C 208 13.67 -13.17 17.52
CA LYS C 208 15.09 -13.38 17.25
C LYS C 208 15.38 -14.83 16.90
N ASP C 209 14.70 -15.78 17.55
CA ASP C 209 14.91 -17.20 17.31
C ASP C 209 13.76 -17.85 16.55
N PHE C 210 12.97 -17.07 15.83
CA PHE C 210 11.93 -17.65 15.00
C PHE C 210 12.54 -18.47 13.88
N GLU C 211 11.88 -19.57 13.53
CA GLU C 211 12.41 -20.49 12.52
C GLU C 211 11.26 -21.11 11.75
N LEU C 212 11.44 -21.21 10.43
CA LEU C 212 10.53 -21.93 9.55
C LEU C 212 11.32 -23.01 8.82
N ARG C 213 10.72 -24.18 8.67
CA ARG C 213 11.39 -25.27 7.97
C ARG C 213 10.38 -26.04 7.13
N LEU C 214 10.90 -26.91 6.28
CA LEU C 214 10.15 -27.82 5.42
C LEU C 214 9.26 -27.09 4.42
N PRO C 215 9.83 -26.55 3.34
CA PRO C 215 9.00 -25.84 2.36
C PRO C 215 7.94 -26.74 1.75
N ILE C 216 6.76 -26.17 1.53
CA ILE C 216 5.66 -26.85 0.86
C ILE C 216 5.06 -25.89 -0.16
N ASP C 217 4.16 -26.42 -0.99
CA ASP C 217 3.50 -25.64 -2.03
C ASP C 217 2.00 -25.92 -1.98
N PRO C 218 1.30 -25.38 -0.98
CA PRO C 218 -0.16 -25.45 -1.01
C PRO C 218 -0.71 -24.40 -1.96
N ARG C 219 -2.01 -24.54 -2.26
CA ARG C 219 -2.64 -23.60 -3.19
C ARG C 219 -2.53 -22.16 -2.71
N ALA C 220 -2.57 -21.94 -1.40
CA ALA C 220 -2.29 -20.64 -0.81
C ALA C 220 -3.24 -19.54 -1.27
N SER D 15 26.11 -22.52 -1.68
CA SER D 15 25.34 -21.94 -2.78
C SER D 15 23.84 -21.99 -2.50
N GLY D 16 23.08 -22.48 -3.46
CA GLY D 16 21.64 -22.60 -3.30
C GLY D 16 21.21 -24.01 -2.91
N ASN D 17 20.37 -24.63 -3.73
CA ASN D 17 19.92 -25.99 -3.51
C ASN D 17 20.74 -26.92 -4.38
N THR D 18 21.96 -27.20 -3.93
CA THR D 18 22.89 -28.04 -4.68
C THR D 18 23.76 -28.85 -3.73
N GLY D 19 23.80 -30.16 -3.94
CA GLY D 19 24.72 -31.02 -3.24
C GLY D 19 25.98 -31.19 -4.06
N SER D 20 26.20 -32.40 -4.60
CA SER D 20 27.23 -32.64 -5.61
C SER D 20 28.61 -32.19 -5.13
N ILE D 21 29.11 -32.92 -4.12
CA ILE D 21 30.42 -32.61 -3.57
C ILE D 21 31.49 -32.66 -4.64
N ILE D 22 31.26 -33.41 -5.73
CA ILE D 22 32.20 -33.43 -6.84
C ILE D 22 32.08 -32.14 -7.64
N ASN D 23 33.22 -31.63 -8.11
CA ASN D 23 33.23 -30.40 -8.89
C ASN D 23 32.46 -30.57 -10.18
N ASN D 24 31.90 -29.47 -10.67
CA ASN D 24 31.10 -29.51 -11.89
C ASN D 24 31.96 -29.90 -13.08
N TYR D 25 31.37 -30.67 -13.99
CA TYR D 25 32.11 -31.14 -15.16
C TYR D 25 32.44 -29.99 -16.10
N TYR D 26 31.51 -29.07 -16.29
CA TYR D 26 31.68 -27.96 -17.22
C TYR D 26 32.28 -26.75 -16.52
N MET D 27 32.95 -25.90 -17.30
CA MET D 27 33.54 -24.69 -16.77
C MET D 27 32.47 -23.72 -16.30
N GLN D 28 32.82 -22.88 -15.33
CA GLN D 28 31.86 -21.90 -14.82
C GLN D 28 31.48 -20.87 -15.87
N GLN D 29 32.29 -20.72 -16.92
CA GLN D 29 31.97 -19.76 -17.96
C GLN D 29 30.78 -20.20 -18.79
N TYR D 30 30.57 -21.51 -18.94
CA TYR D 30 29.45 -22.04 -19.70
C TYR D 30 28.27 -22.43 -18.82
N GLN D 31 28.51 -22.90 -17.60
CA GLN D 31 27.41 -23.33 -16.75
C GLN D 31 26.52 -22.16 -16.35
N ASN D 32 27.12 -21.03 -15.99
CA ASN D 32 26.39 -19.87 -15.51
C ASN D 32 26.87 -18.62 -16.22
N SER D 33 26.01 -17.62 -16.27
CA SER D 33 26.43 -16.30 -16.71
C SER D 33 27.36 -15.69 -15.68
N MET D 34 28.39 -14.99 -16.16
CA MET D 34 29.40 -14.41 -15.29
C MET D 34 29.05 -12.98 -14.93
N ASP D 35 29.44 -12.56 -13.73
CA ASP D 35 29.11 -11.25 -13.21
C ASP D 35 30.29 -10.29 -13.36
N THR D 36 29.96 -9.03 -13.65
CA THR D 36 30.93 -7.95 -13.71
C THR D 36 30.67 -6.97 -12.56
N GLN D 37 31.69 -6.19 -12.23
CA GLN D 37 31.65 -5.29 -11.09
C GLN D 37 31.96 -3.87 -11.52
N LEU D 38 31.65 -2.92 -10.65
CA LEU D 38 32.02 -1.53 -10.82
C LEU D 38 32.80 -1.04 -9.60
N GLY D 39 33.85 -0.27 -9.85
CA GLY D 39 34.66 0.28 -8.79
C GLY D 39 35.43 -0.75 -7.99
N ASN D 64 27.40 -7.34 4.69
CA ASN D 64 28.32 -6.89 3.65
C ASN D 64 27.58 -6.13 2.55
N ASN D 65 26.57 -6.77 1.97
CA ASN D 65 25.75 -6.14 0.94
C ASN D 65 24.26 -6.33 1.16
N ASP D 66 23.86 -7.12 2.15
CA ASP D 66 22.44 -7.37 2.41
C ASP D 66 21.92 -6.24 3.28
N TRP D 67 20.89 -5.53 2.79
CA TRP D 67 20.32 -4.44 3.57
C TRP D 67 19.57 -4.96 4.78
N PHE D 68 18.72 -5.97 4.58
CA PHE D 68 17.80 -6.37 5.63
C PHE D 68 18.49 -7.20 6.70
N SER D 69 19.59 -7.86 6.36
CA SER D 69 20.43 -8.45 7.39
C SER D 69 20.98 -7.37 8.32
N LYS D 70 21.40 -6.24 7.75
CA LYS D 70 21.87 -5.13 8.56
C LYS D 70 20.75 -4.54 9.41
N LEU D 71 19.53 -4.43 8.85
CA LEU D 71 18.41 -3.94 9.64
C LEU D 71 18.10 -4.87 10.81
N ALA D 72 18.07 -6.17 10.54
CA ALA D 72 17.79 -7.13 11.61
C ALA D 72 18.86 -7.11 12.68
N SER D 73 20.12 -7.00 12.28
CA SER D 73 21.22 -6.98 13.24
C SER D 73 21.21 -5.71 14.09
N SER D 74 20.73 -4.60 13.52
CA SER D 74 20.71 -3.33 14.22
C SER D 74 19.44 -3.12 15.03
N ALA D 75 18.57 -4.12 15.10
CA ALA D 75 17.34 -3.99 15.86
C ALA D 75 17.63 -3.78 17.34
N PHE D 76 16.90 -2.87 17.95
CA PHE D 76 17.11 -2.58 19.37
C PHE D 76 16.57 -3.71 20.22
N THR D 77 17.40 -4.21 21.13
CA THR D 77 17.04 -5.25 22.08
C THR D 77 17.18 -4.73 23.49
N GLY D 78 16.63 -5.47 24.44
CA GLY D 78 16.69 -5.08 25.82
C GLY D 78 15.66 -4.02 26.18
N LEU D 79 15.73 -3.57 27.43
CA LEU D 79 14.80 -2.59 27.95
C LEU D 79 15.29 -1.18 27.73
N PHE D 80 14.35 -0.24 27.72
CA PHE D 80 14.66 1.17 27.48
C PHE D 80 14.95 1.91 28.78
N GLY D 81 14.02 1.85 29.73
CA GLY D 81 14.16 2.56 30.99
C GLY D 81 14.84 1.73 32.05
N ALA D 82 14.60 2.11 33.31
CA ALA D 82 15.17 1.38 34.43
C ALA D 82 14.42 0.06 34.65
N LEU D 83 15.11 -0.90 35.26
CA LEU D 83 14.58 -2.23 35.51
C LEU D 83 14.75 -2.58 36.99
N LEU D 84 13.72 -3.22 37.54
CA LEU D 84 13.79 -3.74 38.91
C LEU D 84 13.56 -5.25 38.94
N GLU E 1 -10.59 25.14 -18.92
CA GLU E 1 -11.77 25.22 -18.06
C GLU E 1 -12.20 23.83 -17.59
N GLU E 2 -12.24 23.63 -16.28
CA GLU E 2 -12.67 22.36 -15.70
C GLU E 2 -14.18 22.34 -15.68
N LYS E 3 -14.78 21.51 -16.54
CA LYS E 3 -16.23 21.39 -16.63
C LYS E 3 -16.63 19.93 -16.67
N VAL E 4 -17.85 19.66 -16.23
CA VAL E 4 -18.41 18.31 -16.20
C VAL E 4 -19.70 18.33 -17.00
N VAL E 5 -19.83 17.40 -17.95
CA VAL E 5 -20.99 17.28 -18.81
C VAL E 5 -21.60 15.89 -18.61
N GLU E 6 -22.91 15.85 -18.37
CA GLU E 6 -23.61 14.61 -18.10
C GLU E 6 -24.82 14.48 -19.02
N SER E 7 -25.18 13.24 -19.32
CA SER E 7 -26.31 12.95 -20.19
C SER E 7 -26.93 11.63 -19.75
N GLY E 8 -27.78 11.06 -20.60
CA GLY E 8 -28.41 9.79 -20.31
C GLY E 8 -29.77 9.87 -19.65
N GLY E 9 -30.27 11.08 -19.37
CA GLY E 9 -31.57 11.22 -18.75
C GLY E 9 -32.71 11.04 -19.74
N GLY E 10 -33.93 11.03 -19.21
CA GLY E 10 -35.11 10.87 -20.04
C GLY E 10 -36.30 10.45 -19.20
N LEU E 11 -37.32 9.94 -19.89
CA LEU E 11 -38.56 9.52 -19.28
C LEU E 11 -38.64 7.99 -19.30
N VAL E 12 -38.78 7.38 -18.13
CA VAL E 12 -38.91 5.94 -18.00
C VAL E 12 -40.04 5.61 -17.03
N GLN E 13 -40.55 4.39 -17.14
CA GLN E 13 -41.62 3.91 -16.29
C GLN E 13 -41.07 3.47 -14.93
N PRO E 14 -41.92 3.48 -13.90
CA PRO E 14 -41.46 3.01 -12.59
C PRO E 14 -41.02 1.56 -12.64
N GLY E 15 -40.00 1.23 -11.86
CA GLY E 15 -39.41 -0.09 -11.85
C GLY E 15 -38.41 -0.36 -12.94
N GLY E 16 -38.13 0.61 -13.80
CA GLY E 16 -37.18 0.42 -14.88
C GLY E 16 -35.75 0.63 -14.44
N SER E 17 -34.85 0.52 -15.42
CA SER E 17 -33.42 0.67 -15.18
C SER E 17 -32.81 1.54 -16.26
N LEU E 18 -31.87 2.39 -15.86
CA LEU E 18 -31.15 3.24 -16.80
C LEU E 18 -29.81 3.62 -16.18
N ARG E 19 -28.90 4.08 -17.04
CA ARG E 19 -27.55 4.47 -16.62
C ARG E 19 -27.29 5.90 -17.04
N LEU E 20 -26.79 6.70 -16.09
CA LEU E 20 -26.44 8.09 -16.35
C LEU E 20 -24.94 8.20 -16.56
N SER E 21 -24.53 8.81 -17.66
CA SER E 21 -23.13 9.06 -17.94
C SER E 21 -22.71 10.41 -17.40
N CYS E 22 -21.40 10.56 -17.17
CA CYS E 22 -20.85 11.80 -16.63
C CYS E 22 -19.45 11.97 -17.20
N VAL E 23 -19.33 12.77 -18.26
CA VAL E 23 -18.07 12.98 -18.96
C VAL E 23 -17.45 14.27 -18.44
N GLY E 24 -16.21 14.20 -17.99
CA GLY E 24 -15.49 15.36 -17.47
C GLY E 24 -14.35 15.73 -18.41
N SER E 25 -14.09 17.03 -18.52
CA SER E 25 -13.03 17.54 -19.38
C SER E 25 -12.33 18.69 -18.68
N GLY E 26 -11.08 18.94 -19.08
CA GLY E 26 -10.28 20.00 -18.52
C GLY E 26 -9.49 19.63 -17.29
N PHE E 27 -9.53 18.37 -16.85
CA PHE E 27 -8.77 17.94 -15.68
C PHE E 27 -8.51 16.45 -15.79
N ASN E 28 -7.55 15.98 -15.00
CA ASN E 28 -7.26 14.56 -14.89
C ASN E 28 -8.36 13.90 -14.09
N PHE E 29 -9.25 13.17 -14.77
CA PHE E 29 -10.42 12.61 -14.11
C PHE E 29 -10.04 11.58 -13.06
N LYS E 30 -8.86 10.97 -13.19
CA LYS E 30 -8.44 9.94 -12.25
C LYS E 30 -7.95 10.51 -10.92
N ASN E 31 -7.70 11.82 -10.85
CA ASN E 31 -7.16 12.43 -9.65
C ASN E 31 -8.21 13.10 -8.78
N TYR E 32 -9.50 12.90 -9.08
CA TYR E 32 -10.55 13.57 -8.35
C TYR E 32 -11.68 12.60 -8.02
N GLU E 33 -12.54 13.04 -7.11
CA GLU E 33 -13.64 12.23 -6.59
C GLU E 33 -14.96 12.74 -7.17
N ILE E 34 -15.92 11.82 -7.30
CA ILE E 34 -17.18 12.10 -7.97
C ILE E 34 -18.32 11.90 -6.99
N ASN E 35 -19.20 12.90 -6.90
CA ASN E 35 -20.41 12.83 -6.09
C ASN E 35 -21.62 13.07 -6.98
N TRP E 36 -22.70 12.34 -6.71
CA TRP E 36 -23.95 12.50 -7.44
C TRP E 36 -25.00 13.13 -6.52
N VAL E 37 -25.58 14.24 -6.96
CA VAL E 37 -26.59 14.96 -6.20
C VAL E 37 -27.80 15.17 -7.10
N ARG E 38 -28.99 14.88 -6.56
CA ARG E 38 -30.23 15.10 -7.29
C ARG E 38 -31.07 16.16 -6.59
N GLN E 39 -31.80 16.93 -7.38
CA GLN E 39 -32.64 18.02 -6.87
C GLN E 39 -34.00 17.93 -7.55
N ALA E 40 -35.02 17.56 -6.78
CA ALA E 40 -36.37 17.57 -7.30
C ALA E 40 -36.84 19.01 -7.51
N PRO E 41 -37.71 19.26 -8.49
CA PRO E 41 -38.18 20.62 -8.74
C PRO E 41 -38.87 21.20 -7.50
N GLY E 42 -38.43 22.39 -7.11
CA GLY E 42 -38.95 23.04 -5.92
C GLY E 42 -38.43 22.50 -4.61
N LYS E 43 -37.44 21.61 -4.64
CA LYS E 43 -36.89 21.00 -3.44
C LYS E 43 -35.42 21.36 -3.31
N ALA E 44 -34.82 20.92 -2.21
CA ALA E 44 -33.42 21.17 -1.93
C ALA E 44 -32.55 20.06 -2.51
N LEU E 45 -31.24 20.26 -2.44
CA LEU E 45 -30.30 19.27 -2.94
C LEU E 45 -30.30 18.04 -2.03
N GLU E 46 -29.93 16.90 -2.61
CA GLU E 46 -29.88 15.63 -1.89
C GLU E 46 -28.71 14.81 -2.41
N TRP E 47 -27.73 14.56 -1.53
CA TRP E 47 -26.56 13.79 -1.93
C TRP E 47 -26.94 12.32 -2.06
N LEU E 48 -26.50 11.70 -3.15
CA LEU E 48 -26.87 10.32 -3.47
C LEU E 48 -25.72 9.34 -3.26
N ALA E 49 -24.59 9.56 -3.93
CA ALA E 49 -23.53 8.56 -3.94
C ALA E 49 -22.18 9.26 -3.96
N TYR E 50 -21.14 8.48 -3.69
CA TYR E 50 -19.77 9.00 -3.62
C TYR E 50 -18.80 7.88 -3.94
N ILE E 51 -17.84 8.16 -4.82
CA ILE E 51 -16.83 7.19 -5.22
C ILE E 51 -15.46 7.87 -5.17
N THR E 52 -14.45 7.12 -4.74
CA THR E 52 -13.10 7.66 -4.60
C THR E 52 -12.40 7.67 -5.96
N GLN E 53 -11.11 7.99 -5.95
CA GLN E 53 -10.36 8.10 -7.20
C GLN E 53 -10.07 6.74 -7.84
N THR E 54 -9.99 5.67 -7.04
CA THR E 54 -9.71 4.33 -7.56
C THR E 54 -10.77 3.33 -7.15
N SER E 55 -11.99 3.80 -6.84
CA SER E 55 -13.11 2.95 -6.43
C SER E 55 -12.80 2.16 -5.17
N ASP E 56 -11.88 2.65 -4.34
CA ASP E 56 -11.55 1.95 -3.10
C ASP E 56 -12.72 1.97 -2.12
N PHE E 57 -13.37 3.12 -1.98
CA PHE E 57 -14.48 3.29 -1.06
C PHE E 57 -15.68 3.86 -1.81
N ILE E 58 -16.84 3.23 -1.61
CA ILE E 58 -18.08 3.63 -2.27
C ILE E 58 -19.16 3.78 -1.19
N TYR E 59 -19.88 4.90 -1.23
CA TYR E 59 -20.90 5.21 -0.24
C TYR E 59 -22.19 5.63 -0.94
N TYR E 60 -23.32 5.21 -0.39
CA TYR E 60 -24.63 5.59 -0.88
C TYR E 60 -25.46 6.17 0.24
N ALA E 61 -26.39 7.05 -0.12
CA ALA E 61 -27.33 7.58 0.86
C ALA E 61 -28.26 6.48 1.35
N ASP E 62 -28.73 6.63 2.59
CA ASP E 62 -29.55 5.59 3.20
C ASP E 62 -30.83 5.33 2.41
N SER E 63 -31.34 6.33 1.70
CA SER E 63 -32.57 6.18 0.94
C SER E 63 -32.36 5.60 -0.45
N VAL E 64 -31.13 5.48 -0.91
CA VAL E 64 -30.87 4.97 -2.26
C VAL E 64 -29.89 3.80 -2.21
N LYS E 65 -29.68 3.24 -1.02
CA LYS E 65 -28.80 2.08 -0.91
C LYS E 65 -29.41 0.88 -1.62
N GLY E 66 -28.56 0.13 -2.32
CA GLY E 66 -29.02 -1.05 -3.06
C GLY E 66 -29.59 -0.79 -4.43
N ARG E 67 -30.51 0.17 -4.55
CA ARG E 67 -31.12 0.45 -5.83
C ARG E 67 -30.12 1.03 -6.82
N PHE E 68 -29.27 1.95 -6.35
CA PHE E 68 -28.32 2.65 -7.21
C PHE E 68 -26.94 2.02 -7.11
N THR E 69 -26.21 2.06 -8.23
CA THR E 69 -24.84 1.57 -8.29
C THR E 69 -24.00 2.61 -9.01
N ILE E 70 -22.88 3.00 -8.40
CA ILE E 70 -21.99 4.02 -8.96
C ILE E 70 -20.68 3.36 -9.39
N SER E 71 -20.17 3.78 -10.54
CA SER E 71 -18.91 3.28 -11.05
C SER E 71 -18.27 4.36 -11.91
N ARG E 72 -16.97 4.24 -12.12
CA ARG E 72 -16.22 5.21 -12.90
C ARG E 72 -15.19 4.49 -13.77
N ASP E 73 -14.86 5.10 -14.90
CA ASP E 73 -13.85 4.59 -15.82
C ASP E 73 -12.86 5.73 -16.02
N ASN E 74 -11.71 5.64 -15.36
CA ASN E 74 -10.72 6.72 -15.44
C ASN E 74 -10.13 6.85 -16.83
N SER E 75 -10.03 5.74 -17.57
CA SER E 75 -9.44 5.80 -18.90
C SER E 75 -10.30 6.64 -19.85
N ARG E 76 -11.62 6.51 -19.76
CA ARG E 76 -12.53 7.24 -20.62
C ARG E 76 -12.97 8.59 -20.02
N ASN E 77 -12.47 8.93 -18.83
CA ASN E 77 -12.85 10.17 -18.15
C ASN E 77 -14.36 10.28 -17.97
N THR E 78 -15.00 9.16 -17.65
CA THR E 78 -16.45 9.08 -17.54
C THR E 78 -16.84 8.41 -16.24
N ALA E 79 -17.86 8.97 -15.59
CA ALA E 79 -18.45 8.39 -14.39
C ALA E 79 -19.87 7.93 -14.69
N TYR E 80 -20.26 6.82 -14.08
CA TYR E 80 -21.55 6.19 -14.35
C TYR E 80 -22.35 6.03 -13.06
N LEU E 81 -23.65 6.23 -13.15
CA LEU E 81 -24.58 6.01 -12.04
C LEU E 81 -25.72 5.14 -12.56
N GLN E 82 -25.65 3.84 -12.25
CA GLN E 82 -26.67 2.89 -12.69
C GLN E 82 -27.81 2.88 -11.68
N MET E 83 -29.04 3.09 -12.16
CA MET E 83 -30.21 3.15 -11.32
C MET E 83 -31.14 1.98 -11.66
N ASN E 84 -31.57 1.25 -10.65
CA ASN E 84 -32.47 0.12 -10.81
C ASN E 84 -33.64 0.25 -9.85
N ASN E 85 -34.77 -0.34 -10.23
CA ASN E 85 -36.00 -0.31 -9.42
C ASN E 85 -36.41 1.13 -9.11
N LEU E 86 -36.48 1.96 -10.15
CA LEU E 86 -36.80 3.36 -9.98
C LEU E 86 -38.23 3.52 -9.46
N ARG E 87 -38.41 4.46 -8.54
CA ARG E 87 -39.70 4.74 -7.92
C ARG E 87 -40.26 6.05 -8.47
N THR E 88 -41.51 6.32 -8.12
CA THR E 88 -42.17 7.55 -8.56
C THR E 88 -41.56 8.79 -7.92
N GLU E 89 -40.91 8.65 -6.77
CA GLU E 89 -40.29 9.78 -6.08
C GLU E 89 -38.88 10.06 -6.55
N ASP E 90 -38.38 9.31 -7.52
CA ASP E 90 -37.02 9.48 -8.02
C ASP E 90 -36.92 10.56 -9.10
N THR E 91 -38.04 11.19 -9.47
CA THR E 91 -38.02 12.23 -10.49
C THR E 91 -37.34 13.47 -9.93
N ALA E 92 -36.15 13.78 -10.47
CA ALA E 92 -35.37 14.92 -10.00
C ALA E 92 -34.33 15.26 -11.04
N ARG E 93 -33.69 16.41 -10.86
CA ARG E 93 -32.59 16.84 -11.72
C ARG E 93 -31.29 16.30 -11.13
N TYR E 94 -30.63 15.41 -11.86
CA TYR E 94 -29.45 14.72 -11.37
C TYR E 94 -28.19 15.48 -11.77
N PHE E 95 -27.33 15.76 -10.79
CA PHE E 95 -26.09 16.48 -11.01
C PHE E 95 -24.90 15.55 -10.76
N CYS E 96 -23.92 15.59 -11.64
CA CYS E 96 -22.65 14.92 -11.43
C CYS E 96 -21.61 15.97 -11.04
N THR E 97 -21.04 15.83 -9.85
CA THR E 97 -20.16 16.84 -9.30
C THR E 97 -18.76 16.28 -9.07
N ARG E 98 -17.77 17.15 -9.20
CA ARG E 98 -16.39 16.81 -8.88
C ARG E 98 -16.01 17.46 -7.57
N ALA E 99 -15.45 16.68 -6.66
CA ALA E 99 -15.03 17.17 -5.35
C ALA E 99 -13.55 17.48 -5.39
N GLY E 100 -13.19 18.74 -5.13
CA GLY E 100 -11.79 19.11 -5.08
C GLY E 100 -11.49 20.45 -5.74
N LEU E 101 -10.61 21.22 -5.12
CA LEU E 101 -10.15 22.49 -5.69
C LEU E 101 -8.72 22.73 -5.20
N THR E 102 -8.21 23.94 -5.45
CA THR E 102 -6.81 24.23 -5.17
C THR E 102 -6.47 24.05 -3.70
N GLY E 103 -7.26 24.65 -2.81
CA GLY E 103 -6.97 24.60 -1.40
C GLY E 103 -7.83 23.62 -0.63
N CYS E 104 -8.54 22.75 -1.34
CA CYS E 104 -9.45 21.78 -0.72
C CYS E 104 -9.27 20.47 -1.45
N LYS E 105 -8.77 19.45 -0.76
CA LYS E 105 -8.62 18.10 -1.33
C LYS E 105 -9.24 17.11 -0.36
N SER E 106 -10.55 16.93 -0.49
CA SER E 106 -11.33 15.99 0.32
C SER E 106 -12.70 15.88 -0.33
N ARG E 107 -13.59 15.12 0.32
CA ARG E 107 -14.94 14.94 -0.20
C ARG E 107 -15.86 16.11 0.13
N HIS E 108 -15.41 17.06 0.95
CA HIS E 108 -16.24 18.15 1.41
C HIS E 108 -16.14 19.39 0.52
N CYS E 109 -15.46 19.29 -0.61
CA CYS E 109 -15.25 20.47 -1.45
C CYS E 109 -16.49 20.77 -2.30
N MET E 110 -16.87 19.84 -3.17
CA MET E 110 -18.04 19.98 -4.05
C MET E 110 -17.92 21.25 -4.91
N TYR E 111 -16.89 21.27 -5.75
CA TYR E 111 -16.54 22.48 -6.49
C TYR E 111 -17.21 22.55 -7.86
N VAL E 112 -16.96 21.55 -8.71
CA VAL E 112 -17.43 21.57 -10.09
C VAL E 112 -18.79 20.87 -10.16
N TRP E 113 -19.76 21.53 -10.77
CA TRP E 113 -21.10 20.99 -10.96
C TRP E 113 -21.44 20.98 -12.44
N GLY E 114 -22.10 19.90 -12.87
CA GLY E 114 -22.56 19.80 -14.24
C GLY E 114 -23.86 20.53 -14.45
N PRO E 115 -24.24 20.67 -15.72
CA PRO E 115 -25.53 21.32 -16.03
C PRO E 115 -26.72 20.62 -15.43
N GLY E 116 -26.68 19.30 -15.31
CA GLY E 116 -27.79 18.55 -14.74
C GLY E 116 -28.58 17.79 -15.77
N ALA E 117 -28.79 16.51 -15.53
CA ALA E 117 -29.56 15.64 -16.43
C ALA E 117 -30.96 15.45 -15.84
N GLU E 118 -31.97 15.74 -16.65
CA GLU E 118 -33.36 15.58 -16.22
C GLU E 118 -33.79 14.13 -16.35
N VAL E 119 -34.21 13.53 -15.25
CA VAL E 119 -34.73 12.17 -15.22
C VAL E 119 -36.14 12.23 -14.65
N VAL E 120 -37.12 11.79 -15.43
CA VAL E 120 -38.52 11.81 -15.04
C VAL E 120 -39.01 10.36 -15.00
N VAL E 121 -39.56 9.96 -13.86
CA VAL E 121 -40.11 8.62 -13.67
C VAL E 121 -41.59 8.77 -13.36
N SER E 122 -42.44 8.21 -14.22
CA SER E 122 -43.88 8.29 -14.01
C SER E 122 -44.53 7.16 -14.80
N SER E 123 -45.76 6.83 -14.39
CA SER E 123 -46.52 5.77 -15.05
C SER E 123 -47.07 6.24 -16.40
N GLN F 1 -36.25 19.44 8.77
CA GLN F 1 -35.73 18.08 8.92
C GLN F 1 -34.22 18.10 9.19
N THR F 2 -33.86 17.70 10.41
CA THR F 2 -32.47 17.59 10.84
C THR F 2 -31.76 18.93 10.79
N VAL F 3 -31.58 19.49 9.60
CA VAL F 3 -30.91 20.76 9.40
C VAL F 3 -31.96 21.86 9.31
N ILE F 4 -31.80 22.90 10.13
CA ILE F 4 -32.72 24.02 10.16
C ILE F 4 -32.09 25.19 9.42
N GLN F 5 -32.80 25.71 8.41
CA GLN F 5 -32.35 26.87 7.66
C GLN F 5 -33.54 27.78 7.41
N GLU F 6 -33.31 29.08 7.47
CA GLU F 6 -34.39 30.04 7.27
C GLU F 6 -34.92 29.95 5.85
N PRO F 7 -36.25 29.87 5.66
CA PRO F 7 -36.78 29.76 4.30
C PRO F 7 -36.39 30.92 3.39
N ALA F 8 -36.35 32.15 3.91
CA ALA F 8 -36.02 33.30 3.09
C ALA F 8 -35.65 34.46 4.00
N MET F 9 -34.78 35.34 3.48
CA MET F 9 -34.37 36.54 4.17
C MET F 9 -34.37 37.71 3.19
N SER F 10 -34.52 38.91 3.73
CA SER F 10 -34.55 40.14 2.95
C SER F 10 -33.43 41.06 3.41
N VAL F 11 -32.65 41.57 2.46
CA VAL F 11 -31.56 42.49 2.75
C VAL F 11 -31.58 43.61 1.72
N SER F 12 -31.32 44.83 2.19
CA SER F 12 -31.24 45.98 1.28
C SER F 12 -29.96 45.92 0.47
N LEU F 13 -29.98 46.60 -0.68
CA LEU F 13 -28.81 46.65 -1.55
C LEU F 13 -27.65 47.32 -0.84
N GLY F 14 -26.49 46.68 -0.89
CA GLY F 14 -25.31 47.19 -0.23
C GLY F 14 -25.24 46.93 1.26
N GLY F 15 -26.22 46.23 1.82
CA GLY F 15 -26.27 45.97 3.25
C GLY F 15 -25.54 44.70 3.64
N THR F 16 -25.74 44.30 4.89
CA THR F 16 -25.11 43.12 5.47
C THR F 16 -26.19 42.19 6.02
N VAL F 17 -26.11 40.92 5.68
CA VAL F 17 -27.07 39.92 6.12
C VAL F 17 -26.32 38.66 6.53
N THR F 18 -26.81 38.00 7.58
CA THR F 18 -26.22 36.78 8.10
C THR F 18 -27.24 35.66 8.04
N LEU F 19 -26.85 34.52 7.48
CA LEU F 19 -27.72 33.36 7.36
C LEU F 19 -27.36 32.33 8.43
N THR F 20 -28.37 31.65 8.96
CA THR F 20 -28.20 30.72 10.06
C THR F 20 -28.47 29.30 9.59
N CYS F 21 -27.56 28.38 9.92
CA CYS F 21 -27.70 26.97 9.59
C CYS F 21 -27.28 26.15 10.80
N GLY F 22 -28.15 25.24 11.24
CA GLY F 22 -27.86 24.43 12.40
C GLY F 22 -28.72 23.19 12.45
N PHE F 23 -28.49 22.38 13.48
CA PHE F 23 -29.22 21.13 13.69
C PHE F 23 -30.41 21.36 14.62
N ILE F 24 -31.38 20.45 14.53
CA ILE F 24 -32.50 20.46 15.47
C ILE F 24 -32.01 20.16 16.88
N SER F 25 -31.18 19.14 17.02
CA SER F 25 -30.64 18.72 18.30
C SER F 25 -29.14 18.50 18.14
N GLY F 26 -28.34 19.36 18.78
CA GLY F 26 -26.90 19.26 18.68
C GLY F 26 -26.24 20.58 18.34
N SER F 27 -24.92 20.59 18.24
CA SER F 27 -24.16 21.80 17.95
C SER F 27 -23.33 21.57 16.69
N VAL F 28 -23.32 22.58 15.82
CA VAL F 28 -22.54 22.53 14.59
C VAL F 28 -21.11 22.96 14.90
N THR F 29 -20.15 22.13 14.55
CA THR F 29 -18.75 22.43 14.81
C THR F 29 -17.91 22.24 13.55
N GLY F 30 -16.59 22.39 13.67
CA GLY F 30 -15.73 22.19 12.53
C GLY F 30 -15.73 20.76 12.01
N THR F 31 -16.05 19.80 12.88
CA THR F 31 -16.08 18.40 12.47
C THR F 31 -17.16 18.14 11.42
N ASN F 32 -18.22 18.96 11.38
CA ASN F 32 -19.26 18.79 10.37
C ASN F 32 -18.87 19.38 9.02
N TYR F 33 -17.80 20.18 8.96
CA TYR F 33 -17.31 20.81 7.73
C TYR F 33 -18.46 21.48 6.97
N PRO F 34 -19.00 22.59 7.48
CA PRO F 34 -20.09 23.27 6.77
C PRO F 34 -19.66 23.76 5.40
N SER F 35 -20.59 23.68 4.44
CA SER F 35 -20.38 24.19 3.09
C SER F 35 -21.62 24.96 2.66
N TRP F 36 -21.41 26.00 1.85
CA TRP F 36 -22.48 26.86 1.38
C TRP F 36 -22.49 26.90 -0.13
N PHE F 37 -23.69 26.84 -0.72
CA PHE F 37 -23.84 26.88 -2.17
C PHE F 37 -24.84 27.97 -2.54
N GLN F 38 -24.64 28.54 -3.73
CA GLN F 38 -25.55 29.52 -4.31
C GLN F 38 -26.11 28.96 -5.60
N GLN F 39 -27.43 29.04 -5.76
CA GLN F 39 -28.10 28.48 -6.92
C GLN F 39 -29.17 29.45 -7.41
N THR F 40 -28.85 30.21 -8.45
CA THR F 40 -29.87 30.98 -9.14
C THR F 40 -30.79 30.03 -9.91
N PRO F 41 -32.05 30.41 -10.13
CA PRO F 41 -32.97 29.51 -10.85
C PRO F 41 -32.45 29.17 -12.24
N GLY F 42 -32.61 27.89 -12.60
CA GLY F 42 -32.15 27.44 -13.89
C GLY F 42 -30.65 27.34 -14.05
N GLN F 43 -29.91 27.24 -12.94
CA GLN F 43 -28.46 27.21 -12.96
C GLN F 43 -27.96 26.15 -11.99
N PRO F 44 -26.85 25.48 -12.31
CA PRO F 44 -26.26 24.55 -11.34
C PRO F 44 -25.75 25.29 -10.13
N PRO F 45 -25.77 24.67 -8.95
CA PRO F 45 -25.30 25.34 -7.74
C PRO F 45 -23.82 25.70 -7.84
N ARG F 46 -23.46 26.81 -7.20
CA ARG F 46 -22.10 27.30 -7.16
C ARG F 46 -21.58 27.27 -5.73
N LEU F 47 -20.37 26.75 -5.56
CA LEU F 47 -19.77 26.67 -4.23
C LEU F 47 -19.33 28.06 -3.77
N LEU F 48 -19.69 28.42 -2.53
CA LEU F 48 -19.31 29.70 -1.94
C LEU F 48 -18.36 29.55 -0.78
N ILE F 49 -18.70 28.70 0.19
CA ILE F 49 -17.90 28.52 1.40
C ILE F 49 -17.66 27.03 1.60
N TYR F 50 -16.42 26.67 1.89
CA TYR F 50 -16.06 25.33 2.29
C TYR F 50 -15.21 25.40 3.55
N TYR F 51 -15.42 24.43 4.45
CA TYR F 51 -14.82 24.41 5.78
C TYR F 51 -15.27 25.59 6.64
N ALA F 52 -16.36 26.25 6.25
CA ALA F 52 -17.00 27.33 7.01
C ALA F 52 -16.07 28.54 7.20
N ASN F 53 -14.91 28.54 6.56
CA ASN F 53 -14.00 29.67 6.65
C ASN F 53 -13.38 30.10 5.33
N SER F 54 -13.32 29.23 4.32
CA SER F 54 -12.53 29.49 3.12
C SER F 54 -13.44 29.83 1.95
N ARG F 55 -12.87 30.51 0.96
CA ARG F 55 -13.68 30.93 -0.20
C ARG F 55 -12.89 30.63 -1.47
N PRO F 56 -13.48 29.97 -2.48
CA PRO F 56 -12.81 29.77 -3.75
C PRO F 56 -12.34 31.10 -4.31
N THR F 57 -11.24 31.06 -5.08
CA THR F 57 -10.64 32.28 -5.60
C THR F 57 -11.61 33.05 -6.48
N GLU F 58 -12.35 32.33 -7.33
CA GLU F 58 -13.29 32.99 -8.23
C GLU F 58 -14.42 33.68 -7.47
N VAL F 59 -14.82 33.15 -6.33
CA VAL F 59 -15.93 33.73 -5.56
C VAL F 59 -15.51 35.10 -5.04
N PRO F 60 -16.36 36.12 -5.14
CA PRO F 60 -16.00 37.44 -4.63
C PRO F 60 -15.81 37.43 -3.12
N SER F 61 -15.07 38.43 -2.64
CA SER F 61 -14.77 38.57 -1.22
C SER F 61 -15.99 38.98 -0.40
N ARG F 62 -17.12 39.28 -1.05
CA ARG F 62 -18.31 39.67 -0.31
C ARG F 62 -18.78 38.56 0.62
N PHE F 63 -18.75 37.31 0.15
CA PHE F 63 -19.24 36.18 0.92
C PHE F 63 -18.20 35.74 1.93
N SER F 64 -18.60 35.62 3.19
CA SER F 64 -17.74 35.15 4.25
C SER F 64 -18.51 34.22 5.16
N GLY F 65 -17.78 33.29 5.79
CA GLY F 65 -18.40 32.31 6.66
C GLY F 65 -17.66 32.20 7.97
N ALA F 66 -18.37 31.67 8.97
CA ALA F 66 -17.81 31.46 10.30
C ALA F 66 -18.74 30.54 11.07
N ILE F 67 -18.28 30.14 12.26
CA ILE F 67 -19.07 29.35 13.20
C ILE F 67 -19.32 30.20 14.43
N SER F 68 -20.59 30.43 14.73
CA SER F 68 -20.97 31.25 15.89
C SER F 68 -22.27 30.72 16.45
N GLY F 69 -22.35 30.63 17.78
CA GLY F 69 -23.55 30.16 18.44
C GLY F 69 -23.92 28.74 18.09
N ASN F 70 -22.91 27.87 17.93
CA ASN F 70 -23.10 26.46 17.63
C ASN F 70 -23.87 26.23 16.33
N LYS F 71 -23.81 27.18 15.41
CA LYS F 71 -24.50 27.07 14.13
C LYS F 71 -23.63 27.65 13.03
N ALA F 72 -23.77 27.08 11.83
CA ALA F 72 -23.03 27.59 10.68
C ALA F 72 -23.63 28.91 10.22
N ALA F 73 -22.77 29.90 9.98
CA ALA F 73 -23.20 31.25 9.64
C ALA F 73 -22.54 31.70 8.35
N LEU F 74 -23.34 32.22 7.42
CA LEU F 74 -22.86 32.80 6.18
C LEU F 74 -23.16 34.29 6.19
N THR F 75 -22.13 35.11 5.98
CA THR F 75 -22.26 36.56 6.04
C THR F 75 -21.96 37.15 4.67
N ILE F 76 -22.85 38.03 4.20
CA ILE F 76 -22.68 38.75 2.96
C ILE F 76 -22.57 40.24 3.29
N THR F 77 -21.46 40.85 2.92
CA THR F 77 -21.20 42.26 3.21
C THR F 77 -21.28 43.05 1.91
N GLY F 78 -22.12 44.09 1.90
CA GLY F 78 -22.31 44.89 0.71
C GLY F 78 -23.00 44.10 -0.39
N ALA F 79 -24.24 43.69 -0.15
CA ALA F 79 -24.96 42.86 -1.10
C ALA F 79 -25.14 43.58 -2.42
N GLN F 80 -24.96 42.85 -3.51
CA GLN F 80 -25.14 43.37 -4.86
C GLN F 80 -26.47 42.86 -5.43
N ALA F 81 -26.74 43.24 -6.67
CA ALA F 81 -27.96 42.78 -7.34
C ALA F 81 -27.85 41.33 -7.78
N GLU F 82 -26.65 40.76 -7.81
CA GLU F 82 -26.44 39.39 -8.24
C GLU F 82 -26.50 38.39 -7.11
N ASP F 83 -26.75 38.84 -5.87
CA ASP F 83 -26.78 37.97 -4.72
C ASP F 83 -28.17 37.38 -4.45
N GLU F 84 -29.16 37.70 -5.27
CA GLU F 84 -30.51 37.17 -5.09
C GLU F 84 -30.57 35.77 -5.68
N ALA F 85 -30.58 34.76 -4.82
CA ALA F 85 -30.60 33.36 -5.25
C ALA F 85 -30.99 32.51 -4.05
N ASP F 86 -30.88 31.20 -4.21
CA ASP F 86 -31.15 30.25 -3.14
C ASP F 86 -29.82 29.77 -2.55
N TYR F 87 -29.67 29.94 -1.24
CA TYR F 87 -28.44 29.58 -0.54
C TYR F 87 -28.68 28.30 0.25
N PHE F 88 -27.84 27.30 0.02
CA PHE F 88 -27.96 25.99 0.65
C PHE F 88 -26.79 25.75 1.59
N CYS F 89 -27.08 25.12 2.73
CA CYS F 89 -26.08 24.77 3.72
C CYS F 89 -25.86 23.26 3.71
N CYS F 90 -24.61 22.85 3.56
CA CYS F 90 -24.25 21.44 3.52
C CYS F 90 -23.47 21.08 4.78
N LEU F 91 -23.88 19.99 5.42
CA LEU F 91 -23.24 19.53 6.65
C LEU F 91 -22.93 18.04 6.54
N TYR F 92 -21.77 17.65 7.07
CA TYR F 92 -21.33 16.27 7.05
C TYR F 92 -21.70 15.58 8.36
N LYS F 93 -22.23 14.37 8.27
CA LYS F 93 -22.57 13.58 9.45
C LYS F 93 -22.51 12.11 9.04
N THR F 94 -21.42 11.44 9.42
CA THR F 94 -21.10 10.07 9.01
C THR F 94 -20.87 9.99 7.50
N ASN F 95 -20.15 8.95 7.06
CA ASN F 95 -19.77 8.86 5.66
C ASN F 95 -20.97 8.61 4.76
N ASN F 96 -21.98 7.89 5.24
CA ASN F 96 -23.13 7.51 4.43
C ASN F 96 -24.25 8.54 4.43
N ASN F 97 -24.07 9.67 5.10
CA ASN F 97 -25.12 10.68 5.21
C ASN F 97 -24.52 12.06 5.03
N ILE F 98 -24.95 12.76 3.99
CA ILE F 98 -24.58 14.16 3.77
C ILE F 98 -25.86 14.98 3.78
N LEU F 99 -25.94 15.94 4.68
CA LEU F 99 -27.15 16.71 4.91
C LEU F 99 -27.07 18.06 4.23
N PHE F 100 -28.16 18.43 3.53
CA PHE F 100 -28.30 19.73 2.90
C PHE F 100 -29.38 20.52 3.63
N GLY F 101 -29.20 21.84 3.66
CA GLY F 101 -30.17 22.69 4.32
C GLY F 101 -31.43 22.88 3.49
N GLY F 102 -32.41 23.53 4.12
CA GLY F 102 -33.67 23.78 3.43
C GLY F 102 -33.53 24.70 2.24
N GLY F 103 -32.68 25.72 2.37
CA GLY F 103 -32.48 26.67 1.29
C GLY F 103 -33.09 28.03 1.58
N THR F 104 -32.24 29.05 1.72
CA THR F 104 -32.70 30.40 1.99
C THR F 104 -32.86 31.16 0.69
N HIS F 105 -34.08 31.58 0.38
CA HIS F 105 -34.35 32.38 -0.82
C HIS F 105 -34.12 33.85 -0.48
N LEU F 106 -32.85 34.26 -0.58
CA LEU F 106 -32.48 35.63 -0.29
C LEU F 106 -33.00 36.56 -1.39
N THR F 107 -33.68 37.64 -0.97
CA THR F 107 -34.20 38.64 -1.88
C THR F 107 -33.53 39.98 -1.60
N VAL F 108 -32.95 40.57 -2.64
CA VAL F 108 -32.27 41.85 -2.52
C VAL F 108 -33.25 42.96 -2.84
N LEU F 109 -33.47 43.85 -1.88
CA LEU F 109 -34.42 44.95 -2.06
C LEU F 109 -33.74 46.16 -2.69
#